data_9L23
#
_entry.id   9L23
#
_cell.length_a   1.00
_cell.length_b   1.00
_cell.length_c   1.00
_cell.angle_alpha   90.00
_cell.angle_beta   90.00
_cell.angle_gamma   90.00
#
_symmetry.space_group_name_H-M   'P 1'
#
loop_
_entity.id
_entity.type
_entity.pdbx_description
1 polymer 'Vitamin K-dependent gamma-carboxylase'
2 polymer Osteocalcin
3 branched 2-acetamido-2-deoxy-beta-D-glucopyranose-(1-4)-2-acetamido-2-deoxy-beta-D-glucopyranose
4 non-polymer 2-acetamido-2-deoxy-beta-D-glucopyranose
5 non-polymer 'vitamin K1 hydroquinone'
6 non-polymer CHOLESTEROL
7 non-polymer 1,2-dioleoyl-sn-glycero-3-phosphoethanolamine
8 non-polymer 'CHOLESTEROL HEMISUCCINATE'
9 non-polymer 'CARBON DIOXIDE'
10 non-polymer 'BICARBONATE ION'
11 water water
#
loop_
_entity_poly.entity_id
_entity_poly.type
_entity_poly.pdbx_seq_one_letter_code
_entity_poly.pdbx_strand_id
1 'polypeptide(L)'
;SRIGKLLGFEWTDLSSWRRLVTLLNRPTDPASLAVFRFLFGFLMVLDIPQERGLSSLDRKYLDGLDVCRFPLLDALRPLP
LDWMYLVYTIMFLGALGMMLGLCYRISCVLFLLPYWYVFLLDKTSWNNHSYLYGLLAFQLTFMDANHYWSVDGLLNAHRR
NAHVPLWNYAVLRGQIFIVYFIAGVKKLDADWVEGYSMEYLSRHWLFSPFKLLLSEELTSLLVVHWGGLLLDLSAGFLLF
FDVSRSIGLFFVSYFHCMNSQLFSIGMFSYVMLASSPLFCSPEWPRKLVSYCPRRLQQLLPLKAAPQPSVSCVYKRSRGK
SGQKPGLRHQLGAAFTLLYLLEQLFLPYSHFLTQGYNNWTNGLYGYSWDMMVHSRSHQHVKITYRDGRTGELGYLNPGVF
TQSRRWKDHADMLKQYATCLSRLLPKYNVTEPQIYFDIWVSINDRFQQRIFDPRVDIVQAAWSPFQRTSWVQPLLMDLSP
WRAKLQEIKSSLDNHTEVVFIADFPGLHLENFVSEDLGNTSIQLLQGEVTVELVAEQKNQTLREGEKMQLPAGEYHKVYT
TSPSPSCYMYVYVNTTELALEQDLAYLQELKEKVENGSETGPLPPELQPLLEGEVKGGPEPTPLVQTFLRRQQRLQEIER
RRNTPFHERFFRFLLRKLYVFRRSFLMTCISLRNLILGRPSLEQLAQEVTYANLRPFE
;
A
2 'polypeptide(L)' GAAFVSKQEGSEVVKRPRRYLYQWLGAPVPYPDPLEPRREVCELNPDCDELADHIGFQEAYRRFYGPV B
#
loop_
_chem_comp.id
_chem_comp.type
_chem_comp.name
_chem_comp.formula
A1AVC non-polymer 'vitamin K1 hydroquinone' 'C31 H48 O2'
BCT non-polymer 'BICARBONATE ION' 'C H O3 -1'
CLR non-polymer CHOLESTEROL 'C27 H46 O'
CO2 non-polymer 'CARBON DIOXIDE' 'C O2'
NAG D-saccharide, beta linking 2-acetamido-2-deoxy-beta-D-glucopyranose 'C8 H15 N O6'
PEE non-polymer 1,2-dioleoyl-sn-glycero-3-phosphoethanolamine 'C41 H78 N O8 P'
Y01 non-polymer 'CHOLESTEROL HEMISUCCINATE' 'C31 H50 O4'
#
# COMPACT_ATOMS: atom_id res chain seq x y z
N SER A 1 -35.89 31.28 -2.91
CA SER A 1 -34.68 30.80 -2.25
C SER A 1 -34.59 29.28 -2.30
N ARG A 2 -34.90 28.71 -3.47
CA ARG A 2 -34.72 27.28 -3.68
C ARG A 2 -33.24 26.91 -3.54
N ILE A 3 -32.36 27.80 -3.96
CA ILE A 3 -30.92 27.63 -3.81
C ILE A 3 -30.60 27.54 -2.33
N GLY A 4 -31.28 28.35 -1.51
CA GLY A 4 -31.02 28.39 -0.09
C GLY A 4 -31.26 27.05 0.59
N LYS A 5 -32.26 26.31 0.13
CA LYS A 5 -32.49 24.97 0.64
C LYS A 5 -31.65 23.91 -0.06
N LEU A 6 -31.27 24.15 -1.32
CA LEU A 6 -30.48 23.16 -2.04
C LEU A 6 -29.05 23.05 -1.52
N LEU A 7 -28.38 24.18 -1.29
CA LEU A 7 -27.02 24.14 -0.79
C LEU A 7 -26.83 24.73 0.60
N GLY A 8 -27.90 25.19 1.24
CA GLY A 8 -27.82 25.65 2.61
C GLY A 8 -27.34 27.08 2.79
N PHE A 9 -27.04 27.78 1.71
CA PHE A 9 -26.62 29.17 1.77
C PHE A 9 -27.13 29.88 0.52
N GLU A 10 -26.86 31.18 0.45
CA GLU A 10 -27.33 32.02 -0.65
C GLU A 10 -26.14 32.57 -1.43
N TRP A 11 -26.43 33.12 -2.61
CA TRP A 11 -25.39 33.72 -3.43
C TRP A 11 -24.91 35.05 -2.88
N THR A 12 -25.71 35.71 -2.04
CA THR A 12 -25.29 36.96 -1.44
C THR A 12 -24.27 36.76 -0.32
N ASP A 13 -24.16 35.55 0.23
CA ASP A 13 -23.20 35.26 1.27
C ASP A 13 -21.78 35.14 0.74
N LEU A 14 -21.60 34.95 -0.57
CA LEU A 14 -20.29 34.80 -1.18
C LEU A 14 -19.91 36.01 -2.03
N SER A 15 -20.47 37.17 -1.73
CA SER A 15 -20.20 38.38 -2.50
C SER A 15 -19.09 39.24 -1.91
N SER A 16 -18.89 39.19 -0.59
CA SER A 16 -17.87 40.01 0.05
C SER A 16 -17.10 39.16 1.05
N TRP A 17 -15.90 39.63 1.39
CA TRP A 17 -15.06 38.90 2.33
C TRP A 17 -15.71 38.82 3.70
N ARG A 18 -16.30 39.91 4.16
CA ARG A 18 -16.95 39.91 5.48
C ARG A 18 -18.15 38.95 5.50
N ARG A 19 -18.94 38.94 4.43
CA ARG A 19 -20.09 38.03 4.37
C ARG A 19 -19.64 36.58 4.35
N LEU A 20 -18.58 36.28 3.59
CA LEU A 20 -18.05 34.92 3.57
C LEU A 20 -17.54 34.50 4.95
N VAL A 21 -16.82 35.40 5.62
CA VAL A 21 -16.31 35.09 6.95
C VAL A 21 -17.46 34.84 7.93
N THR A 22 -18.50 35.68 7.85
CA THR A 22 -19.66 35.49 8.72
C THR A 22 -20.35 34.16 8.45
N LEU A 23 -20.50 33.80 7.16
CA LEU A 23 -21.17 32.56 6.82
C LEU A 23 -20.36 31.35 7.29
N LEU A 24 -19.04 31.39 7.15
CA LEU A 24 -18.21 30.23 7.47
C LEU A 24 -17.95 30.06 8.96
N ASN A 25 -18.53 30.90 9.81
CA ASN A 25 -18.36 30.78 11.26
C ASN A 25 -19.69 30.59 11.98
N ARG A 26 -20.72 30.17 11.26
CA ARG A 26 -22.04 30.00 11.83
C ARG A 26 -22.05 28.85 12.85
N PRO A 27 -22.74 29.00 13.98
CA PRO A 27 -22.76 27.93 14.98
C PRO A 27 -23.47 26.69 14.48
N THR A 28 -23.03 25.53 15.00
CA THR A 28 -23.56 24.25 14.57
C THR A 28 -23.53 23.27 15.74
N ASP A 29 -24.35 22.23 15.64
CA ASP A 29 -24.37 21.17 16.65
C ASP A 29 -23.13 20.27 16.50
N PRO A 30 -22.34 20.07 17.56
CA PRO A 30 -21.10 19.30 17.43
C PRO A 30 -21.23 17.80 17.68
N ALA A 31 -22.45 17.25 17.68
CA ALA A 31 -22.63 15.85 18.03
C ALA A 31 -21.99 14.91 16.99
N SER A 32 -22.26 15.16 15.71
CA SER A 32 -21.73 14.29 14.66
C SER A 32 -20.20 14.34 14.62
N LEU A 33 -19.63 15.53 14.81
CA LEU A 33 -18.19 15.66 14.86
C LEU A 33 -17.59 14.86 16.01
N ALA A 34 -18.26 14.89 17.16
CA ALA A 34 -17.79 14.13 18.32
C ALA A 34 -17.83 12.62 18.06
N VAL A 35 -18.92 12.14 17.44
CA VAL A 35 -19.02 10.70 17.15
C VAL A 35 -17.93 10.29 16.17
N PHE A 36 -17.69 11.10 15.14
CA PHE A 36 -16.62 10.80 14.19
C PHE A 36 -15.26 10.79 14.89
N ARG A 37 -15.02 11.74 15.79
CA ARG A 37 -13.75 11.77 16.52
C ARG A 37 -13.57 10.50 17.34
N PHE A 38 -14.62 10.07 18.04
CA PHE A 38 -14.55 8.86 18.84
C PHE A 38 -14.21 7.66 17.98
N LEU A 39 -14.91 7.50 16.85
CA LEU A 39 -14.68 6.35 15.99
C LEU A 39 -13.28 6.37 15.37
N PHE A 40 -12.82 7.54 14.92
CA PHE A 40 -11.49 7.62 14.32
C PHE A 40 -10.40 7.31 15.34
N GLY A 41 -10.55 7.84 16.57
CA GLY A 41 -9.57 7.53 17.60
C GLY A 41 -9.54 6.05 17.94
N PHE A 42 -10.72 5.42 18.03
CA PHE A 42 -10.76 3.98 18.30
C PHE A 42 -10.10 3.18 17.18
N LEU A 43 -10.39 3.53 15.94
CA LEU A 43 -9.80 2.81 14.81
C LEU A 43 -8.29 2.99 14.77
N MET A 44 -7.80 4.20 15.07
CA MET A 44 -6.36 4.43 15.09
C MET A 44 -5.69 3.66 16.23
N VAL A 45 -6.35 3.59 17.38
CA VAL A 45 -5.82 2.80 18.50
C VAL A 45 -5.69 1.35 18.09
N LEU A 46 -6.71 0.81 17.42
CA LEU A 46 -6.64 -0.60 17.00
C LEU A 46 -5.66 -0.80 15.84
N ASP A 47 -5.39 0.24 15.07
CA ASP A 47 -4.54 0.10 13.88
C ASP A 47 -3.06 0.27 14.20
N ILE A 48 -2.72 0.97 15.28
CA ILE A 48 -1.30 1.18 15.61
C ILE A 48 -0.52 -0.12 15.76
N PRO A 49 -0.99 -1.13 16.50
CA PRO A 49 -0.16 -2.34 16.68
C PRO A 49 -0.08 -3.21 15.44
N GLN A 50 -1.01 -3.10 14.50
CA GLN A 50 -1.07 -4.01 13.35
C GLN A 50 -0.35 -3.46 12.11
N GLU A 51 -0.83 -2.32 11.59
CA GLU A 51 -0.32 -1.83 10.32
C GLU A 51 0.85 -0.88 10.45
N ARG A 52 0.95 -0.15 11.57
CA ARG A 52 2.07 0.77 11.75
C ARG A 52 3.37 0.05 12.02
N GLY A 53 3.33 -1.16 12.58
CA GLY A 53 4.51 -1.95 12.79
C GLY A 53 5.04 -2.00 14.19
N LEU A 54 4.19 -1.84 15.20
CA LEU A 54 4.66 -1.92 16.58
C LEU A 54 5.06 -3.35 16.95
N SER A 55 4.38 -4.35 16.39
CA SER A 55 4.66 -5.74 16.70
C SER A 55 5.89 -6.29 15.99
N SER A 56 6.48 -5.53 15.06
CA SER A 56 7.69 -5.93 14.36
C SER A 56 8.81 -4.91 14.52
N LEU A 57 8.74 -4.08 15.56
CA LEU A 57 9.71 -3.02 15.75
C LEU A 57 11.11 -3.57 16.03
N ASP A 58 11.19 -4.59 16.88
CA ASP A 58 12.49 -5.17 17.22
C ASP A 58 13.12 -5.91 16.05
N ARG A 59 12.33 -6.26 15.03
CA ARG A 59 12.89 -6.85 13.82
C ARG A 59 13.29 -5.77 12.82
N LYS A 60 12.48 -4.71 12.70
CA LYS A 60 12.76 -3.68 11.71
C LYS A 60 13.93 -2.79 12.12
N TYR A 61 14.00 -2.38 13.39
CA TYR A 61 14.95 -1.38 13.84
C TYR A 61 15.97 -1.96 14.82
N LEU A 62 16.46 -3.16 14.53
CA LEU A 62 17.54 -3.73 15.32
C LEU A 62 18.77 -2.85 15.22
N ASP A 63 19.45 -2.67 16.37
CA ASP A 63 20.45 -1.61 16.50
C ASP A 63 21.75 -1.87 15.74
N GLY A 64 22.06 -3.13 15.41
CA GLY A 64 23.33 -3.40 14.78
C GLY A 64 23.25 -4.04 13.41
N LEU A 65 22.15 -3.78 12.71
CA LEU A 65 21.90 -4.38 11.41
C LEU A 65 22.49 -3.53 10.29
N ASP A 66 22.94 -4.19 9.23
CA ASP A 66 23.37 -3.52 7.99
C ASP A 66 22.15 -3.43 7.08
N VAL A 67 21.66 -2.22 6.86
CA VAL A 67 20.39 -2.02 6.17
C VAL A 67 20.43 -0.69 5.42
N CYS A 68 19.82 -0.65 4.25
CA CYS A 68 19.61 0.59 3.50
C CYS A 68 18.17 1.03 3.67
N ARG A 69 17.98 2.28 4.08
CA ARG A 69 16.66 2.86 4.25
C ARG A 69 16.42 3.91 3.17
N PHE A 70 15.15 4.27 3.00
CA PHE A 70 14.72 5.21 1.96
C PHE A 70 13.86 6.30 2.58
N PRO A 71 14.47 7.27 3.25
CA PRO A 71 13.70 8.43 3.73
C PRO A 71 13.52 9.48 2.65
N LEU A 72 12.53 10.35 2.86
CA LEU A 72 12.31 11.46 1.94
C LEU A 72 13.49 12.42 1.96
N LEU A 73 14.04 12.69 3.13
CA LEU A 73 15.23 13.51 3.28
C LEU A 73 16.32 12.67 3.92
N ASP A 74 17.53 12.71 3.34
CA ASP A 74 18.63 11.90 3.84
C ASP A 74 19.15 12.35 5.18
N ALA A 75 18.78 13.55 5.64
CA ALA A 75 19.18 14.02 6.96
C ALA A 75 18.35 13.40 8.07
N LEU A 76 17.21 12.78 7.74
CA LEU A 76 16.36 12.15 8.73
C LEU A 76 16.85 10.73 9.00
N ARG A 77 17.14 10.42 10.26
CA ARG A 77 17.63 9.12 10.67
C ARG A 77 16.78 8.57 11.80
N PRO A 78 16.67 7.25 11.91
CA PRO A 78 15.93 6.67 13.04
C PRO A 78 16.72 6.75 14.34
N LEU A 79 15.99 6.57 15.43
CA LEU A 79 16.55 6.58 16.77
C LEU A 79 16.90 5.16 17.20
N PRO A 80 17.63 5.00 18.30
CA PRO A 80 17.82 3.66 18.86
C PRO A 80 16.49 3.02 19.23
N LEU A 81 16.51 1.68 19.31
CA LEU A 81 15.27 0.91 19.39
C LEU A 81 14.44 1.29 20.63
N ASP A 82 15.11 1.56 21.75
CA ASP A 82 14.38 1.95 22.95
C ASP A 82 13.64 3.26 22.76
N TRP A 83 14.29 4.24 22.12
CA TRP A 83 13.63 5.51 21.84
C TRP A 83 12.53 5.35 20.79
N MET A 84 12.68 4.39 19.88
CA MET A 84 11.59 4.10 18.94
C MET A 84 10.37 3.56 19.68
N TYR A 85 10.60 2.68 20.66
CA TYR A 85 9.49 2.20 21.47
C TYR A 85 8.84 3.33 22.26
N LEU A 86 9.65 4.27 22.75
CA LEU A 86 9.10 5.43 23.45
C LEU A 86 8.25 6.28 22.50
N VAL A 87 8.70 6.45 21.26
CA VAL A 87 7.94 7.21 20.26
C VAL A 87 6.60 6.54 20.01
N TYR A 88 6.60 5.22 19.85
CA TYR A 88 5.35 4.50 19.63
C TYR A 88 4.42 4.57 20.84
N THR A 89 4.99 4.56 22.05
CA THR A 89 4.17 4.71 23.25
C THR A 89 3.50 6.08 23.29
N ILE A 90 4.24 7.13 22.93
CA ILE A 90 3.66 8.47 22.90
C ILE A 90 2.57 8.56 21.85
N MET A 91 2.79 7.94 20.69
CA MET A 91 1.76 7.94 19.65
C MET A 91 0.50 7.23 20.13
N PHE A 92 0.66 6.08 20.81
CA PHE A 92 -0.50 5.36 21.33
C PHE A 92 -1.25 6.18 22.37
N LEU A 93 -0.52 6.86 23.25
CA LEU A 93 -1.18 7.71 24.25
C LEU A 93 -1.95 8.84 23.58
N GLY A 94 -1.37 9.44 22.55
CA GLY A 94 -2.07 10.48 21.81
C GLY A 94 -3.34 9.95 21.15
N ALA A 95 -3.27 8.77 20.55
CA ALA A 95 -4.46 8.20 19.91
C ALA A 95 -5.55 7.91 20.95
N LEU A 96 -5.16 7.38 22.11
CA LEU A 96 -6.14 7.11 23.16
C LEU A 96 -6.79 8.40 23.67
N GLY A 97 -5.98 9.43 23.88
CA GLY A 97 -6.54 10.71 24.32
C GLY A 97 -7.43 11.34 23.27
N MET A 98 -7.08 11.18 21.99
CA MET A 98 -7.95 11.65 20.92
C MET A 98 -9.28 10.91 20.94
N MET A 99 -9.25 9.59 21.15
CA MET A 99 -10.49 8.82 21.20
C MET A 99 -11.36 9.25 22.39
N LEU A 100 -10.77 9.41 23.56
CA LEU A 100 -11.54 9.70 24.76
C LEU A 100 -11.92 11.17 24.90
N GLY A 101 -11.31 12.05 24.12
CA GLY A 101 -11.53 13.47 24.33
C GLY A 101 -10.98 14.02 25.63
N LEU A 102 -9.80 13.55 26.06
CA LEU A 102 -9.18 14.01 27.30
C LEU A 102 -7.91 14.76 26.94
N CYS A 103 -7.79 16.01 27.38
CA CYS A 103 -6.70 16.90 27.00
C CYS A 103 -6.55 16.91 25.48
N TYR A 104 -7.61 17.41 24.82
CA TYR A 104 -7.82 17.13 23.41
C TYR A 104 -6.67 17.66 22.54
N ARG A 105 -6.26 18.91 22.75
CA ARG A 105 -5.26 19.52 21.87
C ARG A 105 -3.88 18.90 22.09
N ILE A 106 -3.48 18.72 23.35
CA ILE A 106 -2.19 18.12 23.64
C ILE A 106 -2.14 16.68 23.13
N SER A 107 -3.21 15.92 23.33
CA SER A 107 -3.27 14.56 22.81
C SER A 107 -3.21 14.55 21.28
N CYS A 108 -3.87 15.52 20.65
CA CYS A 108 -3.84 15.61 19.19
C CYS A 108 -2.41 15.82 18.69
N VAL A 109 -1.68 16.73 19.33
CA VAL A 109 -0.30 17.00 18.91
C VAL A 109 0.59 15.78 19.21
N LEU A 110 0.38 15.14 20.35
CA LEU A 110 1.17 13.97 20.72
C LEU A 110 0.95 12.82 19.76
N PHE A 111 -0.26 12.68 19.21
CA PHE A 111 -0.46 11.68 18.16
C PHE A 111 0.15 12.15 16.84
N LEU A 112 0.01 13.43 16.52
CA LEU A 112 0.33 13.91 15.19
C LEU A 112 1.83 13.89 14.91
N LEU A 113 2.66 14.33 15.89
CA LEU A 113 4.06 14.55 15.59
C LEU A 113 4.83 13.24 15.35
N PRO A 114 4.84 12.27 16.28
CA PRO A 114 5.53 11.01 15.98
C PRO A 114 4.96 10.27 14.78
N TYR A 115 3.65 10.38 14.55
CA TYR A 115 3.05 9.71 13.40
C TYR A 115 3.66 10.22 12.09
N TRP A 116 3.76 11.55 11.95
CA TRP A 116 4.32 12.11 10.72
C TRP A 116 5.82 11.88 10.63
N TYR A 117 6.53 11.87 11.77
CA TYR A 117 7.95 11.54 11.74
C TYR A 117 8.17 10.11 11.22
N VAL A 118 7.38 9.16 11.73
CA VAL A 118 7.49 7.77 11.28
C VAL A 118 7.10 7.65 9.81
N PHE A 119 6.06 8.38 9.40
CA PHE A 119 5.64 8.35 8.00
C PHE A 119 6.76 8.85 7.08
N LEU A 120 7.40 9.96 7.46
CA LEU A 120 8.48 10.52 6.65
C LEU A 120 9.76 9.70 6.74
N LEU A 121 9.87 8.80 7.71
CA LEU A 121 11.07 7.98 7.86
C LEU A 121 11.26 6.97 6.73
N ASP A 122 10.20 6.59 6.03
CA ASP A 122 10.30 5.50 5.06
C ASP A 122 9.33 5.76 3.90
N LYS A 123 9.88 5.96 2.70
CA LYS A 123 9.05 6.19 1.52
C LYS A 123 8.41 4.92 0.98
N THR A 124 8.98 3.75 1.28
CA THR A 124 8.48 2.50 0.74
C THR A 124 7.24 1.99 1.47
N SER A 125 6.81 2.66 2.53
CA SER A 125 5.59 2.29 3.24
C SER A 125 4.45 3.27 2.99
N TRP A 126 4.63 4.20 2.04
CA TRP A 126 3.59 5.18 1.74
C TRP A 126 2.47 4.55 0.92
N ASN A 127 1.24 4.81 1.33
CA ASN A 127 0.07 4.47 0.54
C ASN A 127 -0.97 5.57 0.77
N ASN A 128 -2.17 5.38 0.21
CA ASN A 128 -3.17 6.43 0.24
C ASN A 128 -3.89 6.53 1.59
N HIS A 129 -4.16 5.40 2.25
CA HIS A 129 -4.92 5.47 3.50
C HIS A 129 -4.09 5.97 4.67
N SER A 130 -2.78 5.67 4.71
CA SER A 130 -1.92 6.26 5.74
C SER A 130 -1.83 7.78 5.57
N TYR A 131 -1.69 8.22 4.33
CA TYR A 131 -1.70 9.66 4.03
C TYR A 131 -3.01 10.29 4.45
N LEU A 132 -4.12 9.58 4.23
CA LEU A 132 -5.42 10.08 4.67
C LEU A 132 -5.50 10.19 6.19
N TYR A 133 -4.96 9.20 6.91
CA TYR A 133 -4.95 9.27 8.37
C TYR A 133 -4.17 10.48 8.86
N GLY A 134 -3.00 10.72 8.25
CA GLY A 134 -2.24 11.91 8.62
C GLY A 134 -2.99 13.20 8.36
N LEU A 135 -3.65 13.29 7.21
CA LEU A 135 -4.43 14.49 6.89
C LEU A 135 -5.58 14.68 7.86
N LEU A 136 -6.26 13.59 8.24
CA LEU A 136 -7.38 13.68 9.17
C LEU A 136 -6.90 14.14 10.54
N ALA A 137 -5.76 13.62 11.01
CA ALA A 137 -5.22 14.07 12.28
C ALA A 137 -4.88 15.56 12.24
N PHE A 138 -4.26 16.00 11.15
CA PHE A 138 -3.94 17.42 11.02
C PHE A 138 -5.20 18.28 11.03
N GLN A 139 -6.26 17.83 10.35
CA GLN A 139 -7.51 18.58 10.34
C GLN A 139 -8.14 18.62 11.73
N LEU A 140 -8.18 17.50 12.43
CA LEU A 140 -8.81 17.44 13.74
C LEU A 140 -8.02 18.18 14.81
N THR A 141 -6.73 18.45 14.55
CA THR A 141 -5.95 19.23 15.52
C THR A 141 -6.58 20.60 15.78
N PHE A 142 -7.22 21.21 14.78
CA PHE A 142 -7.72 22.57 14.89
C PHE A 142 -9.24 22.65 15.10
N MET A 143 -9.90 21.54 15.39
CA MET A 143 -11.34 21.53 15.54
C MET A 143 -11.75 21.40 17.01
N ASP A 144 -13.00 21.77 17.28
CA ASP A 144 -13.57 21.65 18.62
C ASP A 144 -14.41 20.39 18.74
N ALA A 145 -13.74 19.23 18.68
CA ALA A 145 -14.41 17.95 18.66
C ALA A 145 -14.70 17.39 20.05
N ASN A 146 -14.35 18.10 21.12
CA ASN A 146 -14.56 17.63 22.48
C ASN A 146 -15.69 18.39 23.19
N HIS A 147 -16.64 18.93 22.43
CA HIS A 147 -17.79 19.62 22.99
C HIS A 147 -18.96 18.69 23.27
N TYR A 148 -18.81 17.39 23.03
CA TYR A 148 -19.89 16.44 23.15
C TYR A 148 -19.28 15.04 23.23
N TRP A 149 -19.88 14.18 24.05
CA TRP A 149 -19.46 12.78 24.19
C TRP A 149 -17.96 12.69 24.44
N SER A 150 -17.55 13.27 25.57
CA SER A 150 -16.14 13.35 25.93
C SER A 150 -16.02 13.47 27.44
N VAL A 151 -14.79 13.28 27.94
CA VAL A 151 -14.53 13.37 29.37
C VAL A 151 -14.01 14.75 29.77
N ASP A 152 -13.79 15.64 28.81
CA ASP A 152 -13.56 17.04 29.11
C ASP A 152 -14.85 17.77 29.45
N GLY A 153 -16.00 17.18 29.12
CA GLY A 153 -17.28 17.70 29.56
C GLY A 153 -17.78 17.11 30.85
N LEU A 154 -17.19 16.01 31.33
CA LEU A 154 -17.49 15.45 32.64
C LEU A 154 -16.56 16.01 33.72
N LEU A 155 -15.60 16.85 33.31
CA LEU A 155 -14.67 17.48 34.23
C LEU A 155 -14.79 18.99 34.28
N ASN A 156 -15.33 19.63 33.24
CA ASN A 156 -15.59 21.06 33.24
C ASN A 156 -16.76 21.34 32.29
N ALA A 157 -17.93 21.66 32.85
CA ALA A 157 -19.17 21.65 32.09
C ALA A 157 -19.39 22.91 31.26
N HIS A 158 -18.35 23.75 31.12
CA HIS A 158 -18.47 24.92 30.27
C HIS A 158 -18.18 24.63 28.81
N ARG A 159 -17.46 23.55 28.51
CA ARG A 159 -17.28 23.07 27.15
C ARG A 159 -18.27 21.95 26.81
N ARG A 160 -19.44 21.96 27.43
CA ARG A 160 -20.43 20.91 27.30
C ARG A 160 -21.58 21.44 26.45
N ASN A 161 -21.90 20.74 25.36
CA ASN A 161 -22.96 21.13 24.45
C ASN A 161 -22.77 22.54 23.92
N ALA A 162 -21.54 22.87 23.54
CA ALA A 162 -21.22 24.17 22.95
C ALA A 162 -21.02 24.04 21.46
N HIS A 163 -21.45 25.07 20.73
CA HIS A 163 -21.50 25.04 19.28
C HIS A 163 -20.11 25.18 18.67
N VAL A 164 -20.02 24.92 17.37
CA VAL A 164 -18.76 24.97 16.63
C VAL A 164 -18.97 25.80 15.37
N PRO A 165 -17.89 26.36 14.82
CA PRO A 165 -18.02 27.11 13.55
C PRO A 165 -18.41 26.19 12.40
N LEU A 166 -18.90 26.82 11.32
CA LEU A 166 -19.41 26.06 10.19
C LEU A 166 -18.30 25.32 9.45
N TRP A 167 -17.12 25.95 9.30
CA TRP A 167 -16.08 25.37 8.45
C TRP A 167 -15.51 24.08 9.01
N ASN A 168 -15.79 23.74 10.26
CA ASN A 168 -15.37 22.46 10.82
C ASN A 168 -15.89 21.30 9.98
N TYR A 169 -17.19 21.32 9.66
CA TYR A 169 -17.78 20.29 8.82
C TYR A 169 -17.43 20.49 7.35
N ALA A 170 -17.30 21.75 6.92
CA ALA A 170 -17.03 22.04 5.52
C ALA A 170 -15.70 21.46 5.07
N VAL A 171 -14.66 21.60 5.91
CA VAL A 171 -13.35 21.09 5.53
C VAL A 171 -13.38 19.56 5.42
N LEU A 172 -14.03 18.88 6.36
CA LEU A 172 -14.09 17.42 6.33
C LEU A 172 -14.87 16.92 5.12
N ARG A 173 -16.02 17.53 4.85
CA ARG A 173 -16.80 17.13 3.68
C ARG A 173 -16.02 17.40 2.40
N GLY A 174 -15.29 18.51 2.35
CA GLY A 174 -14.45 18.78 1.19
C GLY A 174 -13.36 17.75 1.01
N GLN A 175 -12.74 17.31 2.10
CA GLN A 175 -11.73 16.25 2.02
C GLN A 175 -12.32 14.96 1.46
N ILE A 176 -13.48 14.55 1.97
CA ILE A 176 -14.09 13.31 1.51
C ILE A 176 -14.48 13.42 0.03
N PHE A 177 -15.10 14.54 -0.34
CA PHE A 177 -15.51 14.75 -1.73
C PHE A 177 -14.29 14.78 -2.65
N ILE A 178 -13.20 15.40 -2.21
CA ILE A 178 -11.98 15.44 -3.01
C ILE A 178 -11.43 14.05 -3.23
N VAL A 179 -11.39 13.24 -2.17
CA VAL A 179 -10.89 11.88 -2.32
C VAL A 179 -11.72 11.13 -3.35
N TYR A 180 -13.05 11.15 -3.20
CA TYR A 180 -13.92 10.43 -4.12
C TYR A 180 -13.75 10.92 -5.56
N PHE A 181 -13.84 12.23 -5.76
CA PHE A 181 -13.85 12.79 -7.11
C PHE A 181 -12.51 12.62 -7.81
N ILE A 182 -11.40 12.84 -7.10
CA ILE A 182 -10.10 12.68 -7.74
C ILE A 182 -9.83 11.20 -8.02
N ALA A 183 -10.26 10.29 -7.14
CA ALA A 183 -10.14 8.88 -7.48
C ALA A 183 -10.91 8.54 -8.75
N GLY A 184 -12.14 9.06 -8.87
CA GLY A 184 -12.91 8.83 -10.08
C GLY A 184 -12.26 9.39 -11.32
N VAL A 185 -11.68 10.59 -11.22
CA VAL A 185 -11.04 11.22 -12.37
C VAL A 185 -9.77 10.47 -12.76
N LYS A 186 -9.00 10.00 -11.77
CA LYS A 186 -7.84 9.17 -12.07
C LYS A 186 -8.26 7.86 -12.74
N LYS A 187 -9.37 7.25 -12.42
CA LYS A 187 -9.88 6.03 -13.09
C LYS A 187 -10.40 6.36 -14.51
N LEU A 188 -10.24 7.58 -15.03
CA LEU A 188 -10.55 7.84 -16.44
C LEU A 188 -9.33 7.56 -17.31
N ASP A 189 -8.73 6.40 -17.11
CA ASP A 189 -7.51 5.99 -17.80
C ASP A 189 -7.83 4.80 -18.70
N ALA A 190 -7.11 4.70 -19.81
CA ALA A 190 -7.45 3.71 -20.83
C ALA A 190 -7.38 2.30 -20.29
N ASP A 191 -6.46 2.01 -19.36
CA ASP A 191 -6.34 0.66 -18.82
C ASP A 191 -7.55 0.30 -17.95
N TRP A 192 -8.06 1.26 -17.18
CA TRP A 192 -9.24 0.98 -16.37
C TRP A 192 -10.51 0.92 -17.21
N VAL A 193 -10.65 1.82 -18.17
CA VAL A 193 -11.87 1.85 -18.99
C VAL A 193 -11.98 0.60 -19.84
N GLU A 194 -10.86 0.12 -20.38
CA GLU A 194 -10.87 -1.08 -21.20
C GLU A 194 -10.92 -2.36 -20.39
N GLY A 195 -10.68 -2.29 -19.08
CA GLY A 195 -10.86 -3.45 -18.22
C GLY A 195 -9.62 -4.30 -18.00
N TYR A 196 -8.46 -3.67 -17.92
CA TYR A 196 -7.21 -4.40 -17.75
C TYR A 196 -6.69 -4.42 -16.31
N SER A 197 -7.11 -3.46 -15.48
CA SER A 197 -6.51 -3.32 -14.16
C SER A 197 -6.91 -4.46 -13.23
N MET A 198 -8.21 -4.77 -13.17
CA MET A 198 -8.74 -5.79 -12.26
C MET A 198 -9.56 -6.78 -13.08
N GLU A 199 -8.88 -7.76 -13.67
CA GLU A 199 -9.56 -8.74 -14.51
C GLU A 199 -9.75 -10.09 -13.84
N TYR A 200 -9.09 -10.33 -12.71
CA TYR A 200 -9.31 -11.54 -11.93
C TYR A 200 -10.23 -11.33 -10.73
N LEU A 201 -10.66 -10.10 -10.47
CA LEU A 201 -11.42 -9.83 -9.25
C LEU A 201 -12.83 -10.41 -9.33
N SER A 202 -13.42 -10.44 -10.53
CA SER A 202 -14.81 -10.86 -10.67
C SER A 202 -15.00 -12.35 -10.43
N ARG A 203 -13.93 -13.13 -10.36
CA ARG A 203 -14.04 -14.56 -10.12
C ARG A 203 -14.31 -14.90 -8.66
N HIS A 204 -14.27 -13.91 -7.77
CA HIS A 204 -14.56 -14.14 -6.36
C HIS A 204 -16.02 -14.54 -6.17
N TRP A 205 -16.26 -15.36 -5.15
CA TRP A 205 -17.61 -15.86 -4.91
C TRP A 205 -18.58 -14.78 -4.46
N LEU A 206 -18.08 -13.62 -4.03
CA LEU A 206 -18.95 -12.51 -3.65
C LEU A 206 -19.66 -11.91 -4.87
N PHE A 207 -19.15 -12.16 -6.08
CA PHE A 207 -19.75 -11.66 -7.31
C PHE A 207 -20.73 -12.65 -7.94
N SER A 208 -20.98 -13.78 -7.28
CA SER A 208 -21.84 -14.81 -7.88
C SER A 208 -23.24 -14.33 -8.21
N PRO A 209 -23.93 -13.50 -7.39
CA PRO A 209 -25.25 -13.01 -7.79
C PRO A 209 -25.27 -12.34 -9.16
N PHE A 210 -24.21 -11.58 -9.48
CA PHE A 210 -24.16 -10.85 -10.74
C PHE A 210 -23.96 -11.78 -11.94
N LYS A 211 -23.40 -12.96 -11.73
CA LYS A 211 -23.12 -13.88 -12.83
C LYS A 211 -24.35 -14.69 -13.24
N LEU A 212 -25.47 -14.53 -12.55
CA LEU A 212 -26.70 -15.18 -12.97
C LEU A 212 -27.22 -14.58 -14.27
N LEU A 213 -27.05 -13.28 -14.47
CA LEU A 213 -27.57 -12.59 -15.64
C LEU A 213 -26.48 -12.13 -16.60
N LEU A 214 -25.21 -12.40 -16.32
CA LEU A 214 -24.12 -11.93 -17.15
C LEU A 214 -23.04 -12.99 -17.23
N SER A 215 -22.20 -12.88 -18.27
CA SER A 215 -21.05 -13.75 -18.42
C SER A 215 -19.91 -13.27 -17.51
N GLU A 216 -18.77 -13.95 -17.60
CA GLU A 216 -17.62 -13.59 -16.78
C GLU A 216 -16.96 -12.29 -17.24
N GLU A 217 -16.73 -12.13 -18.55
CA GLU A 217 -16.18 -10.89 -19.07
C GLU A 217 -17.08 -9.69 -18.86
N LEU A 218 -18.40 -9.85 -19.07
CA LEU A 218 -19.33 -8.76 -18.81
C LEU A 218 -19.38 -8.40 -17.33
N THR A 219 -19.29 -9.39 -16.44
CA THR A 219 -19.21 -9.11 -15.02
C THR A 219 -17.94 -8.37 -14.67
N SER A 220 -16.83 -8.74 -15.29
CA SER A 220 -15.55 -8.07 -15.03
C SER A 220 -15.56 -6.63 -15.53
N LEU A 221 -16.17 -6.39 -16.68
CA LEU A 221 -16.10 -5.07 -17.30
C LEU A 221 -17.17 -4.12 -16.75
N LEU A 222 -18.43 -4.56 -16.77
CA LEU A 222 -19.54 -3.67 -16.44
C LEU A 222 -19.62 -3.37 -14.95
N VAL A 223 -19.33 -4.37 -14.11
CA VAL A 223 -19.54 -4.23 -12.67
C VAL A 223 -18.29 -3.73 -11.96
N VAL A 224 -17.16 -4.38 -12.16
CA VAL A 224 -15.95 -4.04 -11.42
C VAL A 224 -15.38 -2.71 -11.89
N HIS A 225 -15.33 -2.48 -13.20
CA HIS A 225 -14.67 -1.30 -13.73
C HIS A 225 -15.62 -0.13 -13.94
N TRP A 226 -16.62 -0.30 -14.80
CA TRP A 226 -17.53 0.81 -15.10
C TRP A 226 -18.38 1.17 -13.90
N GLY A 227 -18.87 0.17 -13.17
CA GLY A 227 -19.63 0.45 -11.96
C GLY A 227 -18.81 1.15 -10.91
N GLY A 228 -17.58 0.71 -10.71
CA GLY A 228 -16.71 1.38 -9.74
C GLY A 228 -16.40 2.82 -10.13
N LEU A 229 -16.15 3.05 -11.43
CA LEU A 229 -15.90 4.41 -11.90
C LEU A 229 -17.13 5.30 -11.70
N LEU A 230 -18.31 4.79 -12.03
CA LEU A 230 -19.53 5.58 -11.84
C LEU A 230 -19.77 5.89 -10.36
N LEU A 231 -19.57 4.90 -9.49
CA LEU A 231 -19.74 5.13 -8.06
C LEU A 231 -18.75 6.17 -7.56
N ASP A 232 -17.48 6.09 -8.00
CA ASP A 232 -16.49 7.06 -7.57
C ASP A 232 -16.87 8.47 -8.04
N LEU A 233 -17.37 8.58 -9.27
CA LEU A 233 -17.71 9.90 -9.80
C LEU A 233 -18.98 10.48 -9.19
N SER A 234 -19.88 9.63 -8.68
CA SER A 234 -21.19 10.10 -8.21
C SER A 234 -21.38 10.04 -6.70
N ALA A 235 -20.43 9.48 -5.95
CA ALA A 235 -20.62 9.30 -4.51
C ALA A 235 -20.79 10.63 -3.79
N GLY A 236 -19.91 11.60 -4.08
CA GLY A 236 -19.99 12.87 -3.40
C GLY A 236 -21.28 13.62 -3.69
N PHE A 237 -21.69 13.62 -4.97
CA PHE A 237 -22.93 14.29 -5.34
C PHE A 237 -24.14 13.61 -4.71
N LEU A 238 -24.14 12.28 -4.65
CA LEU A 238 -25.26 11.59 -4.03
C LEU A 238 -25.32 11.83 -2.53
N LEU A 239 -24.15 11.88 -1.87
CA LEU A 239 -24.14 12.06 -0.42
C LEU A 239 -24.45 13.49 -0.01
N PHE A 240 -24.09 14.47 -0.85
CA PHE A 240 -24.27 15.87 -0.48
C PHE A 240 -25.76 16.24 -0.45
N PHE A 241 -26.48 15.91 -1.51
CA PHE A 241 -27.86 16.36 -1.64
C PHE A 241 -28.81 15.53 -0.78
N ASP A 242 -29.83 16.20 -0.23
CA ASP A 242 -30.74 15.57 0.71
C ASP A 242 -31.69 14.59 0.03
N VAL A 243 -32.09 14.86 -1.21
CA VAL A 243 -33.09 14.03 -1.88
C VAL A 243 -32.54 12.64 -2.18
N SER A 244 -31.22 12.53 -2.41
CA SER A 244 -30.61 11.27 -2.80
C SER A 244 -29.60 10.76 -1.76
N ARG A 245 -29.76 11.14 -0.49
CA ARG A 245 -28.77 10.75 0.51
C ARG A 245 -28.89 9.28 0.89
N SER A 246 -30.12 8.77 1.00
CA SER A 246 -30.30 7.38 1.43
C SER A 246 -29.77 6.40 0.39
N ILE A 247 -30.04 6.66 -0.89
CA ILE A 247 -29.61 5.77 -1.96
C ILE A 247 -28.09 5.75 -2.04
N GLY A 248 -27.47 6.92 -1.98
CA GLY A 248 -26.02 7.00 -1.98
C GLY A 248 -25.41 6.34 -0.75
N LEU A 249 -26.08 6.47 0.40
CA LEU A 249 -25.61 5.82 1.61
C LEU A 249 -25.62 4.30 1.45
N PHE A 250 -26.69 3.76 0.88
CA PHE A 250 -26.74 2.33 0.64
C PHE A 250 -25.64 1.89 -0.33
N PHE A 251 -25.44 2.64 -1.41
CA PHE A 251 -24.39 2.30 -2.35
C PHE A 251 -23.01 2.30 -1.70
N VAL A 252 -22.68 3.34 -0.94
CA VAL A 252 -21.35 3.41 -0.35
C VAL A 252 -21.18 2.35 0.73
N SER A 253 -22.24 2.05 1.48
CA SER A 253 -22.16 0.99 2.48
C SER A 253 -21.86 -0.35 1.83
N TYR A 254 -22.56 -0.67 0.74
CA TYR A 254 -22.30 -1.91 0.03
C TYR A 254 -20.88 -1.94 -0.54
N PHE A 255 -20.45 -0.81 -1.12
CA PHE A 255 -19.12 -0.73 -1.72
C PHE A 255 -18.03 -0.98 -0.69
N HIS A 256 -18.13 -0.34 0.47
CA HIS A 256 -17.10 -0.48 1.49
C HIS A 256 -17.16 -1.83 2.19
N CYS A 257 -18.37 -2.37 2.40
CA CYS A 257 -18.47 -3.72 2.97
C CYS A 257 -17.86 -4.75 2.04
N MET A 258 -18.07 -4.62 0.73
CA MET A 258 -17.47 -5.56 -0.20
C MET A 258 -15.95 -5.39 -0.26
N ASN A 259 -15.48 -4.15 -0.25
CA ASN A 259 -14.03 -3.91 -0.32
C ASN A 259 -13.33 -4.39 0.94
N SER A 260 -13.99 -4.35 2.10
CA SER A 260 -13.37 -4.86 3.32
C SER A 260 -13.13 -6.36 3.26
N GLN A 261 -13.80 -7.07 2.37
CA GLN A 261 -13.61 -8.52 2.21
C GLN A 261 -12.80 -8.89 0.98
N LEU A 262 -12.81 -8.05 -0.06
CA LEU A 262 -12.08 -8.37 -1.28
C LEU A 262 -10.58 -8.13 -1.14
N PHE A 263 -10.17 -7.19 -0.29
CA PHE A 263 -8.77 -6.80 -0.20
C PHE A 263 -8.33 -6.83 1.26
N SER A 264 -7.05 -6.49 1.47
CA SER A 264 -6.46 -6.34 2.79
C SER A 264 -5.84 -4.94 2.84
N ILE A 265 -6.65 -3.96 3.22
CA ILE A 265 -6.25 -2.56 3.21
C ILE A 265 -6.21 -1.98 4.62
N GLY A 266 -6.20 -2.82 5.63
CA GLY A 266 -6.14 -2.35 7.01
C GLY A 266 -7.48 -1.92 7.56
N MET A 267 -7.64 -0.62 7.84
CA MET A 267 -8.85 -0.08 8.42
C MET A 267 -9.49 0.99 7.54
N PHE A 268 -9.09 1.09 6.28
CA PHE A 268 -9.56 2.16 5.42
C PHE A 268 -11.07 2.10 5.20
N SER A 269 -11.61 0.90 4.97
CA SER A 269 -13.03 0.77 4.65
C SER A 269 -13.90 1.18 5.83
N TYR A 270 -13.50 0.81 7.05
CA TYR A 270 -14.26 1.21 8.23
C TYR A 270 -14.17 2.72 8.47
N VAL A 271 -13.01 3.31 8.17
CA VAL A 271 -12.88 4.76 8.27
C VAL A 271 -13.82 5.45 7.29
N MET A 272 -13.91 4.93 6.07
CA MET A 272 -14.82 5.52 5.08
C MET A 272 -16.28 5.35 5.51
N LEU A 273 -16.61 4.17 6.06
CA LEU A 273 -17.97 3.96 6.58
C LEU A 273 -18.30 4.95 7.70
N ALA A 274 -17.34 5.21 8.59
CA ALA A 274 -17.58 6.15 9.68
C ALA A 274 -17.59 7.59 9.20
N SER A 275 -16.90 7.90 8.11
CA SER A 275 -16.90 9.25 7.57
C SER A 275 -18.13 9.56 6.74
N SER A 276 -18.80 8.54 6.20
CA SER A 276 -20.02 8.78 5.43
C SER A 276 -21.10 9.54 6.21
N PRO A 277 -21.40 9.25 7.47
CA PRO A 277 -22.46 10.01 8.17
C PRO A 277 -22.11 11.45 8.48
N LEU A 278 -20.96 11.96 8.01
CA LEU A 278 -20.65 13.37 8.17
C LEU A 278 -21.45 14.24 7.22
N PHE A 279 -22.16 13.65 6.26
CA PHE A 279 -22.99 14.39 5.32
C PHE A 279 -24.42 14.56 5.80
N CYS A 280 -24.80 13.94 6.91
CA CYS A 280 -26.16 14.03 7.41
C CYS A 280 -26.29 15.30 8.26
N SER A 281 -27.44 15.44 8.93
CA SER A 281 -27.65 16.60 9.79
C SER A 281 -26.69 16.55 10.97
N PRO A 282 -26.18 17.70 11.41
CA PRO A 282 -25.22 17.70 12.52
C PRO A 282 -25.82 17.26 13.85
N GLU A 283 -27.12 17.01 13.88
CA GLU A 283 -27.82 16.61 15.10
C GLU A 283 -28.37 15.19 15.01
N TRP A 284 -27.91 14.39 14.06
CA TRP A 284 -28.45 13.04 13.91
C TRP A 284 -28.26 12.14 15.14
N PRO A 285 -27.13 12.18 15.87
CA PRO A 285 -27.05 11.33 17.08
C PRO A 285 -28.10 11.65 18.11
N ARG A 286 -28.50 12.92 18.22
CA ARG A 286 -29.58 13.28 19.14
C ARG A 286 -30.89 12.60 18.74
N LYS A 287 -31.20 12.60 17.44
CA LYS A 287 -32.41 11.91 16.98
C LYS A 287 -32.28 10.41 17.19
N LEU A 288 -31.08 9.85 17.00
CA LEU A 288 -30.89 8.42 17.20
C LEU A 288 -31.13 8.03 18.65
N VAL A 289 -30.60 8.81 19.60
CA VAL A 289 -30.84 8.50 21.01
C VAL A 289 -32.25 8.89 21.44
N SER A 290 -32.94 9.73 20.65
CA SER A 290 -34.36 9.97 20.87
C SER A 290 -35.23 8.80 20.41
N TYR A 291 -34.83 8.13 19.33
CA TYR A 291 -35.63 7.05 18.76
C TYR A 291 -35.52 5.75 19.56
N CYS A 292 -34.60 5.66 20.51
CA CYS A 292 -34.49 4.49 21.34
C CYS A 292 -35.67 4.43 22.32
N PRO A 293 -36.00 3.24 22.82
CA PRO A 293 -37.11 3.13 23.77
C PRO A 293 -36.85 3.95 25.03
N ARG A 294 -37.95 4.44 25.62
CA ARG A 294 -37.85 5.29 26.80
C ARG A 294 -37.22 4.59 27.99
N ARG A 295 -37.20 3.26 28.00
CA ARG A 295 -36.56 2.53 29.09
C ARG A 295 -35.06 2.75 29.13
N LEU A 296 -34.45 3.13 28.01
CA LEU A 296 -33.02 3.39 27.92
C LEU A 296 -32.71 4.88 27.77
N GLN A 297 -33.57 5.74 28.32
CA GLN A 297 -33.43 7.18 28.18
C GLN A 297 -33.14 7.89 29.50
N GLN A 298 -33.02 7.17 30.61
CA GLN A 298 -32.78 7.79 31.90
C GLN A 298 -31.33 7.70 32.37
N LEU A 299 -30.49 6.93 31.67
CA LEU A 299 -29.09 6.82 32.03
C LEU A 299 -28.18 7.69 31.17
N LEU A 300 -28.59 7.99 29.94
CA LEU A 300 -27.80 8.84 29.06
C LEU A 300 -27.87 10.29 29.54
N PRO A 301 -26.89 11.11 29.16
CA PRO A 301 -26.94 12.53 29.51
C PRO A 301 -28.22 13.19 29.00
N LEU A 302 -28.74 14.11 29.79
CA LEU A 302 -29.98 14.78 29.44
C LEU A 302 -29.82 15.59 28.16
N LYS A 303 -30.85 15.58 27.32
CA LYS A 303 -30.84 16.28 26.05
C LYS A 303 -31.46 17.66 26.24
N ALA A 304 -30.62 18.70 26.22
CA ALA A 304 -31.06 20.07 26.43
C ALA A 304 -30.58 20.94 25.28
N ALA A 305 -30.95 22.21 25.32
CA ALA A 305 -30.55 23.15 24.28
C ALA A 305 -29.05 23.40 24.38
N PRO A 306 -28.30 23.27 23.28
CA PRO A 306 -26.85 23.50 23.35
C PRO A 306 -26.53 24.92 23.77
N GLN A 307 -25.47 25.06 24.57
CA GLN A 307 -25.06 26.35 25.08
C GLN A 307 -24.19 27.09 24.06
N PRO A 308 -24.15 28.42 24.13
CA PRO A 308 -23.31 29.18 23.20
C PRO A 308 -21.82 28.98 23.49
N SER A 309 -21.01 29.22 22.46
CA SER A 309 -19.57 29.16 22.57
C SER A 309 -18.95 30.32 21.80
N VAL A 310 -17.72 30.66 22.17
CA VAL A 310 -17.02 31.78 21.52
C VAL A 310 -16.34 31.39 20.23
N SER A 311 -16.21 30.09 19.95
CA SER A 311 -15.55 29.65 18.72
C SER A 311 -16.36 30.02 17.47
N CYS A 312 -17.65 30.30 17.62
CA CYS A 312 -18.52 30.64 16.51
C CYS A 312 -19.25 31.94 16.82
N VAL A 313 -19.40 32.78 15.81
CA VAL A 313 -20.08 34.07 15.96
C VAL A 313 -21.57 33.85 15.72
N TYR A 314 -22.39 34.70 16.35
CA TYR A 314 -23.83 34.63 16.24
C TYR A 314 -24.34 35.90 15.60
N LYS A 315 -25.04 35.76 14.48
CA LYS A 315 -25.63 36.88 13.76
C LYS A 315 -27.15 36.75 13.82
N ARG A 316 -27.81 37.78 14.34
CA ARG A 316 -29.26 37.78 14.49
C ARG A 316 -29.82 39.12 14.05
N SER A 317 -31.09 39.11 13.64
CA SER A 317 -31.77 40.34 13.31
C SER A 317 -32.20 41.11 14.56
N ARG A 318 -32.54 40.40 15.63
CA ARG A 318 -32.96 41.01 16.89
C ARG A 318 -31.87 40.99 17.95
N GLY A 319 -31.16 39.88 18.09
CA GLY A 319 -30.10 39.77 19.08
C GLY A 319 -28.81 40.39 18.61
N LYS A 320 -28.75 41.73 18.62
CA LYS A 320 -27.58 42.52 18.21
C LYS A 320 -27.41 42.47 16.69
N SER A 321 -27.03 43.60 16.09
CA SER A 321 -26.86 43.65 14.65
C SER A 321 -25.74 42.73 14.18
N GLY A 322 -24.63 42.73 14.90
CA GLY A 322 -23.52 41.87 14.55
C GLY A 322 -22.27 42.28 15.30
N GLN A 323 -21.22 41.48 15.10
CA GLN A 323 -19.94 41.70 15.72
C GLN A 323 -18.85 41.72 14.65
N LYS A 324 -17.80 42.49 14.89
CA LYS A 324 -16.68 42.52 13.97
C LYS A 324 -16.01 41.15 13.93
N PRO A 325 -15.63 40.66 12.75
CA PRO A 325 -14.94 39.37 12.67
C PRO A 325 -13.58 39.44 13.35
N GLY A 326 -13.40 38.64 14.39
CA GLY A 326 -12.13 38.58 15.09
C GLY A 326 -11.08 37.88 14.27
N LEU A 327 -9.86 37.87 14.81
CA LEU A 327 -8.75 37.22 14.12
C LEU A 327 -9.00 35.73 13.93
N ARG A 328 -9.64 35.09 14.91
CA ARG A 328 -9.87 33.65 14.84
C ARG A 328 -10.77 33.29 13.67
N HIS A 329 -11.80 34.08 13.41
CA HIS A 329 -12.75 33.78 12.34
C HIS A 329 -12.09 33.88 10.97
N GLN A 330 -11.35 34.98 10.74
CA GLN A 330 -10.64 35.14 9.48
C GLN A 330 -9.59 34.06 9.30
N LEU A 331 -8.89 33.70 10.38
CA LEU A 331 -7.90 32.63 10.31
C LEU A 331 -8.54 31.31 9.92
N GLY A 332 -9.70 31.00 10.49
CA GLY A 332 -10.39 29.76 10.13
C GLY A 332 -10.85 29.75 8.68
N ALA A 333 -11.43 30.86 8.21
CA ALA A 333 -11.88 30.90 6.82
C ALA A 333 -10.71 30.79 5.86
N ALA A 334 -9.61 31.50 6.14
CA ALA A 334 -8.42 31.40 5.30
C ALA A 334 -7.86 29.99 5.31
N PHE A 335 -7.84 29.34 6.47
CA PHE A 335 -7.35 27.97 6.55
C PHE A 335 -8.20 27.06 5.67
N THR A 336 -9.53 27.19 5.75
CA THR A 336 -10.40 26.37 4.92
C THR A 336 -10.10 26.55 3.44
N LEU A 337 -10.06 27.81 2.98
CA LEU A 337 -9.85 28.07 1.56
C LEU A 337 -8.49 27.58 1.09
N LEU A 338 -7.43 27.94 1.82
CA LEU A 338 -6.08 27.57 1.40
C LEU A 338 -5.88 26.06 1.44
N TYR A 339 -6.41 25.40 2.48
CA TYR A 339 -6.26 23.95 2.59
C TYR A 339 -6.97 23.23 1.45
N LEU A 340 -8.19 23.66 1.11
CA LEU A 340 -8.89 23.03 0.01
C LEU A 340 -8.19 23.27 -1.32
N LEU A 341 -7.65 24.48 -1.51
CA LEU A 341 -6.91 24.76 -2.73
C LEU A 341 -5.66 23.88 -2.83
N GLU A 342 -4.92 23.74 -1.74
CA GLU A 342 -3.72 22.90 -1.74
C GLU A 342 -4.07 21.44 -1.98
N GLN A 343 -5.18 20.96 -1.39
CA GLN A 343 -5.58 19.58 -1.59
C GLN A 343 -6.03 19.33 -3.02
N LEU A 344 -6.61 20.34 -3.68
CA LEU A 344 -6.93 20.18 -5.08
C LEU A 344 -5.68 20.21 -5.95
N PHE A 345 -4.70 21.05 -5.61
CA PHE A 345 -3.53 21.21 -6.47
C PHE A 345 -2.57 20.03 -6.37
N LEU A 346 -2.36 19.51 -5.15
CA LEU A 346 -1.26 18.56 -4.93
C LEU A 346 -1.30 17.30 -5.81
N PRO A 347 -2.44 16.64 -6.03
CA PRO A 347 -2.43 15.45 -6.90
C PRO A 347 -2.13 15.76 -8.36
N TYR A 348 -2.10 17.02 -8.76
CA TYR A 348 -1.84 17.40 -10.15
C TYR A 348 -0.64 18.36 -10.26
N SER A 349 0.31 18.24 -9.33
CA SER A 349 1.49 19.08 -9.31
C SER A 349 2.75 18.35 -9.80
N HIS A 350 2.57 17.24 -10.52
CA HIS A 350 3.69 16.43 -10.95
C HIS A 350 4.54 17.11 -12.02
N PHE A 351 4.08 18.21 -12.60
CA PHE A 351 4.84 18.91 -13.62
C PHE A 351 5.95 19.79 -13.04
N LEU A 352 6.03 19.91 -11.72
CA LEU A 352 7.11 20.65 -11.07
C LEU A 352 8.21 19.74 -10.51
N THR A 353 7.83 18.61 -9.93
CA THR A 353 8.81 17.66 -9.37
C THR A 353 8.99 16.53 -10.38
N GLN A 354 9.85 16.80 -11.37
CA GLN A 354 10.05 15.86 -12.47
C GLN A 354 11.03 14.74 -12.14
N GLY A 355 11.80 14.87 -11.06
CA GLY A 355 12.74 13.83 -10.68
C GLY A 355 12.12 12.60 -10.06
N TYR A 356 10.83 12.66 -9.74
CA TYR A 356 10.09 11.51 -9.23
C TYR A 356 9.17 10.91 -10.28
N ASN A 357 9.29 11.35 -11.53
CA ASN A 357 8.42 10.89 -12.62
C ASN A 357 9.07 9.71 -13.33
N ASN A 358 8.60 8.51 -13.02
CA ASN A 358 8.92 7.30 -13.76
C ASN A 358 7.82 7.07 -14.79
N TRP A 359 7.70 5.84 -15.30
CA TRP A 359 6.55 5.45 -16.12
C TRP A 359 5.24 5.99 -15.57
N THR A 360 5.08 5.95 -14.25
CA THR A 360 3.96 6.56 -13.56
C THR A 360 4.40 7.87 -12.94
N ASN A 361 3.46 8.82 -12.83
CA ASN A 361 3.76 10.17 -12.38
C ASN A 361 3.89 10.21 -10.87
N GLY A 362 5.06 10.65 -10.38
CA GLY A 362 5.24 10.99 -8.99
C GLY A 362 5.43 9.79 -8.07
N LEU A 363 5.65 10.10 -6.81
CA LEU A 363 5.68 9.09 -5.76
C LEU A 363 4.27 8.58 -5.47
N TYR A 364 4.18 7.31 -5.08
CA TYR A 364 2.90 6.72 -4.77
C TYR A 364 2.47 7.07 -3.35
N GLY A 365 1.21 7.47 -3.19
CA GLY A 365 0.69 7.70 -1.86
C GLY A 365 -0.25 8.88 -1.68
N TYR A 366 -0.16 9.89 -2.55
CA TYR A 366 -0.90 11.13 -2.32
C TYR A 366 -1.63 11.63 -3.57
N SER A 367 -1.97 10.74 -4.50
CA SER A 367 -2.68 11.13 -5.72
C SER A 367 -3.99 10.39 -5.92
N TRP A 368 -4.37 9.50 -5.01
CA TRP A 368 -5.65 8.78 -5.05
C TRP A 368 -5.78 7.92 -6.30
N ASP A 369 -4.66 7.35 -6.76
CA ASP A 369 -4.65 6.43 -7.90
C ASP A 369 -4.58 4.99 -7.40
N MET A 370 -5.64 4.56 -6.74
CA MET A 370 -5.67 3.24 -6.12
C MET A 370 -6.00 2.16 -7.14
N MET A 371 -5.18 1.11 -7.17
CA MET A 371 -5.42 -0.12 -7.94
C MET A 371 -5.55 0.12 -9.44
N VAL A 372 -4.94 1.20 -9.96
CA VAL A 372 -5.02 1.43 -11.40
C VAL A 372 -3.89 0.70 -12.14
N HIS A 373 -2.73 0.53 -11.50
CA HIS A 373 -1.57 -0.06 -12.13
C HIS A 373 -1.14 -1.31 -11.37
N SER A 374 -0.70 -2.32 -12.12
CA SER A 374 -0.19 -3.56 -11.57
C SER A 374 1.11 -3.90 -12.28
N ARG A 375 2.10 -4.33 -11.51
CA ARG A 375 3.44 -4.60 -12.02
C ARG A 375 3.79 -6.07 -11.84
N SER A 376 4.60 -6.58 -12.76
CA SER A 376 5.16 -7.92 -12.66
C SER A 376 6.63 -7.84 -13.00
N HIS A 377 7.49 -8.31 -12.09
CA HIS A 377 8.93 -8.30 -12.29
C HIS A 377 9.40 -9.68 -12.68
N GLN A 378 10.13 -9.76 -13.78
CA GLN A 378 10.60 -11.04 -14.31
C GLN A 378 12.04 -11.36 -13.91
N HIS A 379 12.93 -10.37 -13.91
CA HIS A 379 14.34 -10.61 -13.64
C HIS A 379 14.99 -9.33 -13.13
N VAL A 380 15.80 -9.46 -12.08
CA VAL A 380 16.62 -8.36 -11.58
C VAL A 380 18.06 -8.86 -11.46
N LYS A 381 18.99 -8.13 -12.06
CA LYS A 381 20.41 -8.46 -11.99
C LYS A 381 21.18 -7.23 -11.55
N ILE A 382 22.01 -7.39 -10.52
CA ILE A 382 22.88 -6.33 -10.01
C ILE A 382 24.31 -6.81 -10.15
N THR A 383 25.14 -6.01 -10.83
CA THR A 383 26.53 -6.35 -11.08
C THR A 383 27.42 -5.18 -10.69
N TYR A 384 28.49 -5.46 -9.95
CA TYR A 384 29.46 -4.45 -9.55
C TYR A 384 30.78 -4.69 -10.26
N ARG A 385 31.61 -3.65 -10.26
CA ARG A 385 32.96 -3.72 -10.81
C ARG A 385 33.93 -3.20 -9.76
N ASP A 386 34.94 -4.00 -9.42
CA ASP A 386 35.91 -3.61 -8.42
C ASP A 386 36.79 -2.49 -8.97
N GLY A 387 36.87 -1.39 -8.23
CA GLY A 387 37.63 -0.23 -8.69
C GLY A 387 39.12 -0.30 -8.45
N ARG A 388 39.59 -1.31 -7.71
CA ARG A 388 41.00 -1.48 -7.44
C ARG A 388 41.65 -2.54 -8.33
N THR A 389 40.92 -3.61 -8.64
CA THR A 389 41.42 -4.69 -9.49
C THR A 389 40.73 -4.78 -10.84
N GLY A 390 39.40 -4.74 -10.86
CA GLY A 390 38.65 -4.82 -12.10
C GLY A 390 37.78 -6.05 -12.25
N GLU A 391 37.67 -6.90 -11.23
CA GLU A 391 36.82 -8.07 -11.33
C GLU A 391 35.36 -7.66 -11.39
N LEU A 392 34.58 -8.46 -12.13
CA LEU A 392 33.14 -8.28 -12.17
C LEU A 392 32.47 -9.24 -11.19
N GLY A 393 31.52 -8.73 -10.42
CA GLY A 393 30.80 -9.55 -9.47
C GLY A 393 29.32 -9.27 -9.54
N TYR A 394 28.54 -10.14 -8.90
CA TYR A 394 27.09 -10.07 -8.93
C TYR A 394 26.55 -10.17 -7.52
N LEU A 395 25.63 -9.26 -7.18
CA LEU A 395 25.04 -9.20 -5.86
C LEU A 395 23.68 -9.88 -5.86
N ASN A 396 23.30 -10.37 -4.69
CA ASN A 396 21.95 -10.87 -4.49
C ASN A 396 20.98 -9.69 -4.53
N PRO A 397 19.87 -9.81 -5.25
CA PRO A 397 18.93 -8.66 -5.32
C PRO A 397 18.30 -8.35 -3.97
N GLY A 398 18.65 -7.19 -3.40
CA GLY A 398 18.09 -6.74 -2.15
C GLY A 398 18.72 -7.35 -0.91
N VAL A 399 20.05 -7.27 -0.79
CA VAL A 399 20.74 -7.85 0.36
C VAL A 399 20.41 -7.07 1.64
N PHE A 400 20.53 -5.74 1.57
CA PHE A 400 20.39 -4.90 2.75
C PHE A 400 19.07 -4.14 2.79
N THR A 401 18.15 -4.45 1.90
CA THR A 401 16.85 -3.79 1.86
C THR A 401 15.82 -4.61 2.64
N GLN A 402 14.79 -3.91 3.12
CA GLN A 402 13.67 -4.54 3.81
C GLN A 402 12.38 -4.45 3.00
N SER A 403 12.46 -4.07 1.73
CA SER A 403 11.30 -4.00 0.86
C SER A 403 11.76 -4.19 -0.58
N ARG A 404 10.80 -4.20 -1.50
CA ARG A 404 11.08 -4.40 -2.92
C ARG A 404 10.66 -3.22 -3.78
N ARG A 405 10.15 -2.13 -3.19
CA ARG A 405 9.63 -1.02 -3.96
C ARG A 405 10.69 -0.22 -4.69
N TRP A 406 11.97 -0.43 -4.37
CA TRP A 406 13.05 0.35 -4.99
C TRP A 406 13.22 0.04 -6.47
N LYS A 407 12.60 -1.02 -6.98
CA LYS A 407 12.78 -1.43 -8.37
C LYS A 407 12.04 -0.55 -9.36
N ASP A 408 11.19 0.37 -8.88
CA ASP A 408 10.34 1.15 -9.77
C ASP A 408 10.68 2.63 -9.82
N HIS A 409 11.55 3.13 -8.95
CA HIS A 409 11.80 4.56 -8.83
C HIS A 409 13.29 4.85 -8.92
N ALA A 410 13.63 5.97 -9.56
CA ALA A 410 15.02 6.36 -9.74
C ALA A 410 15.64 6.94 -8.48
N ASP A 411 14.86 7.68 -7.68
CA ASP A 411 15.38 8.22 -6.43
C ASP A 411 15.73 7.10 -5.45
N MET A 412 14.84 6.11 -5.32
CA MET A 412 15.12 4.98 -4.45
C MET A 412 16.32 4.18 -4.95
N LEU A 413 16.44 4.01 -6.27
CA LEU A 413 17.58 3.30 -6.82
C LEU A 413 18.89 4.04 -6.57
N LYS A 414 18.87 5.37 -6.66
CA LYS A 414 20.05 6.17 -6.35
C LYS A 414 20.43 6.04 -4.88
N GLN A 415 19.44 6.10 -3.99
CA GLN A 415 19.70 5.90 -2.57
C GLN A 415 20.32 4.54 -2.31
N TYR A 416 19.77 3.49 -2.94
CA TYR A 416 20.27 2.13 -2.75
C TYR A 416 21.69 1.99 -3.27
N ALA A 417 22.00 2.59 -4.42
CA ALA A 417 23.35 2.53 -4.96
C ALA A 417 24.34 3.21 -4.03
N THR A 418 23.96 4.36 -3.46
CA THR A 418 24.82 5.03 -2.50
C THR A 418 25.06 4.16 -1.26
N CYS A 419 23.99 3.53 -0.77
CA CYS A 419 24.10 2.59 0.34
C CYS A 419 25.11 1.48 0.04
N LEU A 420 24.99 0.90 -1.15
CA LEU A 420 25.89 -0.20 -1.53
C LEU A 420 27.32 0.28 -1.62
N SER A 421 27.55 1.45 -2.22
CA SER A 421 28.90 1.99 -2.32
C SER A 421 29.50 2.20 -0.93
N ARG A 422 28.68 2.59 0.04
CA ARG A 422 29.19 2.77 1.40
C ARG A 422 29.45 1.43 2.08
N LEU A 423 28.57 0.46 1.90
CA LEU A 423 28.59 -0.78 2.68
C LEU A 423 29.52 -1.84 2.12
N LEU A 424 29.81 -1.82 0.82
CA LEU A 424 30.61 -2.88 0.21
C LEU A 424 32.07 -2.90 0.65
N PRO A 425 32.70 -1.76 0.95
CA PRO A 425 34.05 -1.81 1.54
C PRO A 425 34.16 -2.71 2.76
N LYS A 426 33.09 -2.88 3.52
CA LYS A 426 33.12 -3.83 4.65
C LYS A 426 33.13 -5.28 4.19
N TYR A 427 32.91 -5.54 2.89
CA TYR A 427 32.92 -6.89 2.34
C TYR A 427 34.03 -7.06 1.31
N ASN A 428 35.13 -6.32 1.45
CA ASN A 428 36.31 -6.42 0.60
C ASN A 428 36.01 -6.04 -0.85
N VAL A 429 35.37 -4.88 -1.05
CA VAL A 429 35.18 -4.32 -2.39
C VAL A 429 35.58 -2.86 -2.37
N THR A 430 36.47 -2.45 -3.27
CA THR A 430 37.01 -1.10 -3.25
C THR A 430 36.42 -0.27 -4.40
N GLU A 431 35.81 0.87 -4.04
CA GLU A 431 35.18 1.80 -4.97
C GLU A 431 34.29 1.08 -5.96
N PRO A 432 33.14 0.55 -5.52
CA PRO A 432 32.30 -0.25 -6.42
C PRO A 432 31.72 0.58 -7.56
N GLN A 433 31.51 -0.08 -8.69
CA GLN A 433 30.81 0.48 -9.84
C GLN A 433 29.61 -0.40 -10.14
N ILE A 434 28.41 0.13 -9.91
CA ILE A 434 27.20 -0.68 -9.80
C ILE A 434 26.28 -0.39 -10.98
N TYR A 435 25.80 -1.47 -11.63
CA TYR A 435 24.85 -1.39 -12.73
C TYR A 435 23.64 -2.25 -12.40
N PHE A 436 22.49 -1.86 -12.95
CA PHE A 436 21.23 -2.54 -12.66
C PHE A 436 20.57 -3.00 -13.96
N ASP A 437 19.87 -4.14 -13.89
CA ASP A 437 19.16 -4.71 -15.04
C ASP A 437 17.82 -5.23 -14.53
N ILE A 438 16.75 -4.47 -14.75
CA ILE A 438 15.44 -4.76 -14.20
C ILE A 438 14.42 -4.79 -15.34
N TRP A 439 13.65 -5.88 -15.40
CA TRP A 439 12.61 -6.07 -16.41
C TRP A 439 11.24 -6.08 -15.74
N VAL A 440 10.34 -5.23 -16.21
CA VAL A 440 9.02 -5.06 -15.60
C VAL A 440 7.95 -5.10 -16.69
N SER A 441 6.77 -5.58 -16.31
CA SER A 441 5.57 -5.52 -17.14
C SER A 441 4.46 -4.85 -16.35
N ILE A 442 3.73 -3.95 -17.00
CA ILE A 442 2.65 -3.20 -16.37
C ILE A 442 1.35 -3.46 -17.12
N ASN A 443 0.33 -3.93 -16.39
CA ASN A 443 -0.98 -4.29 -16.93
C ASN A 443 -0.84 -5.11 -18.22
N ASP A 444 -0.28 -6.31 -18.06
CA ASP A 444 0.17 -7.15 -19.16
C ASP A 444 1.35 -6.48 -19.85
N ARG A 445 1.27 -6.29 -21.17
CA ARG A 445 2.32 -5.64 -21.95
C ARG A 445 3.60 -6.47 -21.97
N PHE A 446 4.43 -6.28 -22.99
CA PHE A 446 5.70 -6.98 -23.06
C PHE A 446 6.61 -6.57 -21.90
N GLN A 447 7.44 -7.50 -21.45
CA GLN A 447 8.48 -7.18 -20.48
C GLN A 447 9.55 -6.31 -21.13
N GLN A 448 10.00 -5.29 -20.42
CA GLN A 448 11.03 -4.41 -20.94
C GLN A 448 11.81 -3.81 -19.77
N ARG A 449 12.96 -3.22 -20.09
CA ARG A 449 13.80 -2.57 -19.09
C ARG A 449 13.22 -1.22 -18.72
N ILE A 450 13.39 -0.85 -17.45
CA ILE A 450 12.88 0.42 -16.94
C ILE A 450 14.02 1.42 -16.80
N PHE A 451 15.24 0.93 -16.59
CA PHE A 451 16.43 1.77 -16.49
C PHE A 451 17.46 1.32 -17.52
N ASP A 452 18.45 2.18 -17.73
CA ASP A 452 19.54 1.90 -18.67
C ASP A 452 20.58 1.00 -18.00
N PRO A 453 20.86 -0.19 -18.54
CA PRO A 453 21.82 -1.09 -17.89
C PRO A 453 23.28 -0.75 -18.16
N ARG A 454 23.57 0.31 -18.91
CA ARG A 454 24.93 0.69 -19.23
C ARG A 454 25.43 1.87 -18.40
N VAL A 455 24.65 2.32 -17.42
CA VAL A 455 24.94 3.53 -16.66
C VAL A 455 25.34 3.14 -15.25
N ASP A 456 26.45 3.70 -14.76
CA ASP A 456 26.90 3.49 -13.39
C ASP A 456 26.10 4.44 -12.49
N ILE A 457 25.16 3.88 -11.73
CA ILE A 457 24.21 4.69 -10.97
C ILE A 457 24.87 5.47 -9.85
N VAL A 458 26.05 5.03 -9.39
CA VAL A 458 26.71 5.73 -8.29
C VAL A 458 27.07 7.15 -8.69
N GLN A 459 27.53 7.34 -9.92
CA GLN A 459 27.86 8.67 -10.43
C GLN A 459 26.77 9.25 -11.31
N ALA A 460 25.64 8.56 -11.47
CA ALA A 460 24.55 9.08 -12.30
C ALA A 460 23.90 10.28 -11.63
N ALA A 461 23.50 11.25 -12.45
CA ALA A 461 22.96 12.51 -11.96
C ALA A 461 21.46 12.37 -11.71
N TRP A 462 21.04 12.74 -10.50
CA TRP A 462 19.64 12.79 -10.14
C TRP A 462 19.33 14.11 -9.46
N SER A 463 18.15 14.67 -9.74
CA SER A 463 17.73 15.93 -9.18
C SER A 463 16.22 15.91 -8.98
N PRO A 464 15.71 16.51 -7.91
CA PRO A 464 14.25 16.49 -7.68
C PRO A 464 13.44 17.23 -8.73
N PHE A 465 14.04 18.17 -9.47
CA PHE A 465 13.30 19.01 -10.40
C PHE A 465 13.73 18.82 -11.84
N GLN A 466 14.47 17.76 -12.14
CA GLN A 466 14.95 17.48 -13.48
C GLN A 466 14.48 16.09 -13.91
N ARG A 467 14.17 15.96 -15.19
CA ARG A 467 13.78 14.65 -15.73
C ARG A 467 15.00 13.74 -15.79
N THR A 468 14.83 12.50 -15.32
CA THR A 468 15.94 11.57 -15.22
C THR A 468 16.30 11.01 -16.59
N SER A 469 17.59 11.07 -16.93
CA SER A 469 18.05 10.67 -18.25
C SER A 469 18.11 9.15 -18.44
N TRP A 470 18.39 8.40 -17.37
CA TRP A 470 18.62 6.96 -17.50
C TRP A 470 17.35 6.14 -17.32
N VAL A 471 16.20 6.78 -17.21
CA VAL A 471 14.92 6.06 -17.19
C VAL A 471 14.50 5.77 -18.63
N GLN A 472 14.22 4.49 -18.92
CA GLN A 472 13.77 4.10 -20.24
C GLN A 472 12.30 4.46 -20.43
N PRO A 473 11.90 4.88 -21.63
CA PRO A 473 10.48 5.18 -21.87
C PRO A 473 9.65 3.93 -22.03
N LEU A 474 8.37 4.04 -21.67
CA LEU A 474 7.43 2.95 -21.78
C LEU A 474 6.97 2.81 -23.23
N LEU A 475 7.02 1.58 -23.75
CA LEU A 475 6.68 1.30 -25.14
C LEU A 475 5.17 1.16 -25.26
N MET A 476 4.48 2.31 -25.33
CA MET A 476 3.04 2.37 -25.37
C MET A 476 2.46 2.19 -26.77
N ASP A 477 3.31 1.87 -27.75
CA ASP A 477 2.85 1.60 -29.11
C ASP A 477 2.67 0.11 -29.36
N LEU A 478 2.91 -0.74 -28.35
CA LEU A 478 2.74 -2.18 -28.48
C LEU A 478 1.58 -2.69 -27.64
N SER A 479 0.79 -1.79 -27.07
CA SER A 479 -0.35 -2.15 -26.25
C SER A 479 -1.41 -2.95 -27.00
N PRO A 480 -1.75 -2.61 -28.26
CA PRO A 480 -2.75 -3.42 -28.98
C PRO A 480 -2.36 -4.88 -29.21
N TRP A 481 -1.18 -5.30 -28.77
CA TRP A 481 -0.77 -6.70 -28.89
C TRP A 481 -1.34 -7.58 -27.78
N ARG A 482 -2.01 -7.00 -26.79
CA ARG A 482 -2.40 -7.76 -25.60
C ARG A 482 -3.41 -8.85 -25.91
N ALA A 483 -4.35 -8.59 -26.82
CA ALA A 483 -5.33 -9.61 -27.19
C ALA A 483 -4.65 -10.81 -27.85
N LYS A 484 -3.71 -10.55 -28.75
CA LYS A 484 -2.97 -11.63 -29.39
C LYS A 484 -2.12 -12.39 -28.38
N LEU A 485 -1.51 -11.67 -27.43
CA LEU A 485 -0.74 -12.35 -26.39
C LEU A 485 -1.64 -13.27 -25.55
N GLN A 486 -2.84 -12.80 -25.21
CA GLN A 486 -3.76 -13.63 -24.46
C GLN A 486 -4.20 -14.84 -25.26
N GLU A 487 -4.42 -14.67 -26.57
CA GLU A 487 -4.77 -15.80 -27.42
C GLU A 487 -3.65 -16.84 -27.46
N ILE A 488 -2.41 -16.37 -27.61
CA ILE A 488 -1.26 -17.29 -27.63
C ILE A 488 -1.13 -18.02 -26.30
N LYS A 489 -1.34 -17.32 -25.19
CA LYS A 489 -1.24 -17.95 -23.88
C LYS A 489 -2.30 -19.04 -23.71
N SER A 490 -3.52 -18.77 -24.16
CA SER A 490 -4.59 -19.76 -24.00
C SER A 490 -4.49 -20.89 -25.02
N SER A 491 -3.72 -20.69 -26.09
CA SER A 491 -3.60 -21.70 -27.13
C SER A 491 -2.51 -22.72 -26.82
N LEU A 492 -2.12 -22.84 -25.56
CA LEU A 492 -1.06 -23.75 -25.15
C LEU A 492 -1.62 -24.90 -24.32
N ASP A 493 -0.75 -25.87 -24.02
CA ASP A 493 -1.07 -27.01 -23.17
C ASP A 493 -0.98 -26.59 -21.71
N ASN A 494 -1.12 -27.54 -20.79
CA ASN A 494 -0.99 -27.25 -19.36
C ASN A 494 0.39 -27.61 -18.82
N HIS A 495 1.35 -27.88 -19.70
CA HIS A 495 2.73 -28.14 -19.30
C HIS A 495 3.72 -27.14 -19.87
N THR A 496 3.32 -26.34 -20.86
CA THR A 496 4.21 -25.39 -21.51
C THR A 496 3.87 -23.97 -21.10
N GLU A 497 4.89 -23.14 -20.94
CA GLU A 497 4.74 -21.76 -20.49
C GLU A 497 5.48 -20.82 -21.43
N VAL A 498 5.06 -19.56 -21.43
CA VAL A 498 5.53 -18.57 -22.39
C VAL A 498 5.93 -17.28 -21.68
N VAL A 499 6.96 -16.61 -22.20
CA VAL A 499 7.43 -15.33 -21.70
C VAL A 499 7.61 -14.39 -22.88
N PHE A 500 7.00 -13.21 -22.80
CA PHE A 500 7.06 -12.21 -23.87
C PHE A 500 8.03 -11.10 -23.51
N ILE A 501 8.90 -10.74 -24.45
CA ILE A 501 9.98 -9.78 -24.21
C ILE A 501 10.05 -8.80 -25.38
N ALA A 502 10.20 -7.51 -25.07
CA ALA A 502 10.48 -6.47 -26.05
C ALA A 502 11.78 -5.77 -25.67
N ASP A 503 12.66 -5.56 -26.64
CA ASP A 503 13.99 -5.02 -26.39
C ASP A 503 14.26 -3.80 -27.23
N PHE A 504 14.90 -2.80 -26.63
CA PHE A 504 15.28 -1.59 -27.34
C PHE A 504 16.45 -1.87 -28.29
N PRO A 505 16.57 -1.10 -29.37
CA PRO A 505 17.72 -1.28 -30.27
C PRO A 505 19.03 -0.93 -29.57
N GLY A 506 20.09 -1.64 -29.96
CA GLY A 506 21.41 -1.42 -29.42
C GLY A 506 21.71 -2.18 -28.15
N LEU A 507 20.73 -2.87 -27.57
CA LEU A 507 20.90 -3.61 -26.33
C LEU A 507 20.76 -5.10 -26.59
N HIS A 508 21.41 -5.90 -25.75
CA HIS A 508 21.39 -7.35 -25.86
C HIS A 508 20.95 -7.94 -24.53
N LEU A 509 20.65 -9.25 -24.55
CA LEU A 509 20.20 -9.97 -23.38
C LEU A 509 20.98 -11.27 -23.27
N GLU A 510 21.75 -11.41 -22.19
CA GLU A 510 22.47 -12.64 -21.90
C GLU A 510 21.64 -13.50 -20.96
N ASN A 511 21.39 -14.75 -21.36
CA ASN A 511 20.52 -15.65 -20.60
C ASN A 511 21.18 -17.00 -20.43
N PHE A 512 21.10 -17.55 -19.23
CA PHE A 512 21.53 -18.90 -18.94
C PHE A 512 20.30 -19.80 -18.86
N VAL A 513 20.23 -20.79 -19.73
CA VAL A 513 19.12 -21.74 -19.75
C VAL A 513 19.40 -22.83 -18.74
N SER A 514 18.46 -23.07 -17.84
CA SER A 514 18.65 -24.06 -16.79
C SER A 514 18.71 -25.46 -17.39
N GLU A 515 19.26 -26.39 -16.62
CA GLU A 515 19.37 -27.78 -17.04
C GLU A 515 18.06 -28.54 -16.91
N ASP A 516 17.07 -27.99 -16.22
CA ASP A 516 15.78 -28.65 -16.06
C ASP A 516 14.85 -28.41 -17.23
N LEU A 517 15.23 -27.54 -18.18
CA LEU A 517 14.36 -27.15 -19.29
C LEU A 517 15.00 -27.68 -20.57
N GLY A 518 14.72 -28.94 -20.89
CA GLY A 518 15.31 -29.54 -22.07
C GLY A 518 14.63 -29.14 -23.37
N ASN A 519 13.35 -28.77 -23.30
CA ASN A 519 12.58 -28.38 -24.47
C ASN A 519 12.23 -26.90 -24.34
N THR A 520 13.12 -26.04 -24.84
CA THR A 520 12.93 -24.60 -24.80
C THR A 520 13.22 -24.02 -26.18
N SER A 521 12.49 -22.97 -26.54
CA SER A 521 12.62 -22.39 -27.87
C SER A 521 12.26 -20.90 -27.81
N ILE A 522 12.70 -20.17 -28.83
CA ILE A 522 12.45 -18.74 -28.96
C ILE A 522 11.82 -18.49 -30.33
N GLN A 523 10.76 -17.69 -30.35
CA GLN A 523 10.07 -17.34 -31.59
C GLN A 523 9.94 -15.83 -31.69
N LEU A 524 10.30 -15.29 -32.85
CA LEU A 524 10.27 -13.85 -33.08
C LEU A 524 8.89 -13.41 -33.57
N LEU A 525 8.43 -12.27 -33.05
CA LEU A 525 7.14 -11.71 -33.42
C LEU A 525 7.24 -10.43 -34.22
N GLN A 526 8.25 -9.60 -33.99
CA GLN A 526 8.35 -8.31 -34.63
C GLN A 526 9.82 -7.89 -34.64
N GLY A 527 10.15 -6.97 -35.56
CA GLY A 527 11.53 -6.54 -35.68
C GLY A 527 12.42 -7.63 -36.22
N GLU A 528 13.68 -7.63 -35.79
CA GLU A 528 14.62 -8.68 -36.15
C GLU A 528 15.71 -8.75 -35.10
N VAL A 529 16.12 -9.98 -34.76
CA VAL A 529 17.12 -10.21 -33.73
C VAL A 529 18.19 -11.15 -34.27
N THR A 530 19.37 -11.09 -33.64
CA THR A 530 20.45 -12.01 -33.90
C THR A 530 20.73 -12.79 -32.62
N VAL A 531 20.67 -14.12 -32.72
CA VAL A 531 20.82 -15.00 -31.57
C VAL A 531 22.18 -15.66 -31.62
N GLU A 532 22.92 -15.61 -30.51
CA GLU A 532 24.27 -16.12 -30.41
C GLU A 532 24.31 -17.27 -29.41
N LEU A 533 24.99 -18.36 -29.78
CA LEU A 533 25.28 -19.44 -28.86
C LEU A 533 26.70 -19.26 -28.35
N VAL A 534 26.84 -19.08 -27.03
CA VAL A 534 28.13 -18.70 -26.47
C VAL A 534 29.13 -19.85 -26.58
N ALA A 535 28.71 -21.08 -26.32
CA ALA A 535 29.62 -22.21 -26.37
C ALA A 535 30.18 -22.43 -27.76
N GLU A 536 29.31 -22.43 -28.78
CA GLU A 536 29.75 -22.71 -30.13
C GLU A 536 30.17 -21.45 -30.89
N GLN A 537 29.91 -20.26 -30.34
CA GLN A 537 30.22 -19.00 -30.98
C GLN A 537 29.57 -18.92 -32.37
N LYS A 538 28.26 -19.12 -32.41
CA LYS A 538 27.50 -19.16 -33.66
C LYS A 538 26.46 -18.07 -33.65
N ASN A 539 26.43 -17.25 -34.70
CA ASN A 539 25.43 -16.20 -34.87
C ASN A 539 24.41 -16.63 -35.91
N GLN A 540 23.14 -16.62 -35.54
CA GLN A 540 22.05 -16.91 -36.46
C GLN A 540 20.96 -15.86 -36.33
N THR A 541 20.44 -15.42 -37.46
CA THR A 541 19.48 -14.32 -37.52
C THR A 541 18.07 -14.86 -37.67
N LEU A 542 17.15 -14.31 -36.87
CA LEU A 542 15.75 -14.71 -36.90
C LEU A 542 14.91 -13.59 -37.53
N ARG A 543 14.02 -13.97 -38.44
CA ARG A 543 13.07 -13.06 -39.04
C ARG A 543 11.68 -13.31 -38.48
N GLU A 544 10.79 -12.33 -38.69
CA GLU A 544 9.46 -12.34 -38.08
C GLU A 544 8.70 -13.60 -38.50
N GLY A 545 8.34 -14.42 -37.52
CA GLY A 545 7.56 -15.61 -37.75
C GLY A 545 8.31 -16.92 -37.59
N GLU A 546 9.65 -16.91 -37.58
CA GLU A 546 10.43 -18.14 -37.50
C GLU A 546 10.93 -18.35 -36.08
N LYS A 547 11.13 -19.62 -35.72
CA LYS A 547 11.52 -20.01 -34.38
C LYS A 547 12.87 -20.73 -34.39
N MET A 548 13.35 -21.04 -33.19
CA MET A 548 14.67 -21.64 -33.01
C MET A 548 14.67 -22.42 -31.70
N GLN A 549 15.34 -23.57 -31.70
CA GLN A 549 15.51 -24.34 -30.47
C GLN A 549 16.82 -23.95 -29.79
N LEU A 550 16.81 -23.95 -28.46
CA LEU A 550 17.96 -23.53 -27.69
C LEU A 550 18.43 -24.66 -26.77
N PRO A 551 19.75 -24.78 -26.56
CA PRO A 551 20.26 -25.82 -25.67
C PRO A 551 20.03 -25.50 -24.21
N ALA A 552 20.06 -26.55 -23.39
CA ALA A 552 19.88 -26.43 -21.94
C ALA A 552 21.23 -26.49 -21.24
N GLY A 553 21.31 -25.83 -20.09
CA GLY A 553 22.56 -25.74 -19.35
C GLY A 553 23.64 -24.98 -20.08
N GLU A 554 23.27 -23.98 -20.86
CA GLU A 554 24.23 -23.22 -21.67
C GLU A 554 23.85 -21.75 -21.63
N TYR A 555 24.72 -20.92 -22.21
CA TYR A 555 24.49 -19.50 -22.35
C TYR A 555 24.10 -19.17 -23.79
N HIS A 556 23.31 -18.11 -23.94
CA HIS A 556 22.98 -17.60 -25.27
C HIS A 556 22.71 -16.10 -25.15
N LYS A 557 22.86 -15.41 -26.27
CA LYS A 557 22.72 -13.96 -26.33
C LYS A 557 21.76 -13.58 -27.44
N VAL A 558 20.91 -12.59 -27.16
CA VAL A 558 19.92 -12.08 -28.11
C VAL A 558 20.24 -10.61 -28.36
N TYR A 559 20.66 -10.28 -29.57
CA TYR A 559 20.96 -8.91 -29.96
C TYR A 559 19.80 -8.36 -30.78
N THR A 560 19.36 -7.15 -30.46
CA THR A 560 18.34 -6.45 -31.24
C THR A 560 19.05 -5.61 -32.31
N THR A 561 18.84 -5.96 -33.57
CA THR A 561 19.54 -5.32 -34.68
C THR A 561 18.63 -4.47 -35.54
N SER A 562 17.37 -4.30 -35.16
CA SER A 562 16.48 -3.47 -35.95
C SER A 562 16.50 -2.02 -35.46
N PRO A 563 16.24 -1.07 -36.35
CA PRO A 563 16.15 0.34 -35.91
C PRO A 563 14.98 0.62 -35.01
N SER A 564 14.01 -0.29 -34.91
CA SER A 564 12.84 -0.18 -34.06
C SER A 564 12.83 -1.30 -33.03
N PRO A 565 12.11 -1.13 -31.93
CA PRO A 565 12.05 -2.21 -30.93
C PRO A 565 11.49 -3.50 -31.52
N SER A 566 12.06 -4.62 -31.08
CA SER A 566 11.69 -5.94 -31.56
C SER A 566 11.10 -6.76 -30.43
N CYS A 567 10.10 -7.57 -30.77
CA CYS A 567 9.39 -8.40 -29.81
C CYS A 567 9.57 -9.87 -30.17
N TYR A 568 9.93 -10.68 -29.17
CA TYR A 568 10.00 -12.13 -29.32
C TYR A 568 9.39 -12.76 -28.08
N MET A 569 9.35 -14.09 -28.06
CA MET A 569 8.78 -14.82 -26.94
C MET A 569 9.58 -16.09 -26.70
N TYR A 570 9.52 -16.56 -25.44
CA TYR A 570 10.18 -17.77 -25.00
C TYR A 570 9.12 -18.82 -24.74
N VAL A 571 9.31 -20.02 -25.28
CA VAL A 571 8.44 -21.17 -25.01
C VAL A 571 9.29 -22.26 -24.39
N TYR A 572 8.83 -22.81 -23.26
CA TYR A 572 9.61 -23.79 -22.54
C TYR A 572 8.67 -24.74 -21.80
N VAL A 573 9.21 -25.90 -21.43
CA VAL A 573 8.50 -26.85 -20.58
C VAL A 573 9.50 -27.52 -19.64
N ASN A 574 9.20 -27.49 -18.34
CA ASN A 574 10.09 -28.06 -17.34
C ASN A 574 10.03 -29.59 -17.42
N THR A 575 11.10 -30.20 -17.93
CA THR A 575 11.13 -31.63 -18.17
C THR A 575 11.16 -32.46 -16.89
N THR A 576 11.90 -32.04 -15.87
CA THR A 576 12.03 -32.83 -14.65
C THR A 576 10.69 -33.02 -13.96
N GLU A 577 9.90 -31.95 -13.86
CA GLU A 577 8.58 -32.04 -13.23
C GLU A 577 7.67 -32.98 -14.02
N LEU A 578 7.82 -33.01 -15.35
CA LEU A 578 7.03 -33.91 -16.16
C LEU A 578 7.26 -35.36 -15.76
N ALA A 579 8.53 -35.78 -15.71
CA ALA A 579 8.85 -37.15 -15.31
C ALA A 579 8.41 -37.42 -13.88
N LEU A 580 8.62 -36.45 -12.98
CA LEU A 580 8.23 -36.64 -11.59
C LEU A 580 6.73 -36.92 -11.47
N GLU A 581 5.91 -36.08 -12.11
CA GLU A 581 4.46 -36.26 -12.05
C GLU A 581 4.03 -37.56 -12.72
N GLN A 582 4.62 -37.89 -13.87
CA GLN A 582 4.18 -39.09 -14.59
C GLN A 582 4.70 -40.37 -13.95
N ASP A 583 5.65 -40.29 -13.03
CA ASP A 583 5.98 -41.48 -12.25
C ASP A 583 5.16 -41.56 -10.97
N LEU A 584 4.87 -40.41 -10.35
CA LEU A 584 4.03 -40.41 -9.15
C LEU A 584 2.62 -40.90 -9.47
N ALA A 585 2.07 -40.47 -10.62
CA ALA A 585 0.75 -40.94 -11.03
C ALA A 585 0.74 -42.44 -11.26
N TYR A 586 1.79 -42.99 -11.88
CA TYR A 586 1.88 -44.43 -12.06
C TYR A 586 1.97 -45.14 -10.72
N LEU A 587 2.74 -44.59 -9.79
CA LEU A 587 2.89 -45.23 -8.48
C LEU A 587 1.56 -45.24 -7.72
N GLN A 588 0.77 -44.17 -7.82
CA GLN A 588 -0.53 -44.16 -7.16
C GLN A 588 -1.44 -45.24 -7.71
N GLU A 589 -1.48 -45.39 -9.04
CA GLU A 589 -2.30 -46.44 -9.64
C GLU A 589 -1.77 -47.82 -9.26
N LEU A 590 -0.45 -47.96 -9.14
CA LEU A 590 0.12 -49.23 -8.68
C LEU A 590 -0.33 -49.55 -7.26
N LYS A 591 -0.38 -48.52 -6.39
CA LYS A 591 -0.88 -48.72 -5.04
C LYS A 591 -2.34 -49.16 -5.05
N GLU A 592 -3.16 -48.52 -5.89
CA GLU A 592 -4.56 -48.93 -5.99
C GLU A 592 -4.69 -50.36 -6.48
N LYS A 593 -3.88 -50.75 -7.47
CA LYS A 593 -3.93 -52.11 -7.97
C LYS A 593 -3.46 -53.13 -6.93
N VAL A 594 -2.43 -52.78 -6.15
CA VAL A 594 -1.97 -53.66 -5.09
C VAL A 594 -3.05 -53.82 -4.03
N GLU A 595 -3.79 -52.75 -3.75
CA GLU A 595 -4.95 -52.87 -2.86
C GLU A 595 -5.99 -53.80 -3.46
N ASN A 596 -6.25 -53.68 -4.77
CA ASN A 596 -7.21 -54.57 -5.43
C ASN A 596 -6.68 -55.98 -5.52
N GLY A 597 -5.37 -56.17 -5.52
CA GLY A 597 -4.78 -57.49 -5.61
C GLY A 597 -4.76 -58.23 -4.30
N THR A 622 8.10 -44.25 -0.79
CA THR A 622 8.82 -43.18 -1.47
C THR A 622 8.59 -41.84 -0.78
N PRO A 623 9.68 -41.15 -0.43
CA PRO A 623 9.53 -39.86 0.26
C PRO A 623 8.79 -38.81 -0.55
N LEU A 624 8.92 -38.83 -1.88
CA LEU A 624 8.22 -37.85 -2.71
C LEU A 624 6.71 -38.01 -2.59
N VAL A 625 6.24 -39.25 -2.72
CA VAL A 625 4.82 -39.52 -2.56
C VAL A 625 4.37 -39.19 -1.14
N GLN A 626 5.23 -39.46 -0.16
CA GLN A 626 4.95 -39.10 1.23
C GLN A 626 4.67 -37.61 1.36
N THR A 627 5.58 -36.78 0.85
CA THR A 627 5.43 -35.33 0.97
C THR A 627 4.20 -34.84 0.22
N PHE A 628 4.02 -35.33 -1.01
CA PHE A 628 2.89 -34.88 -1.81
C PHE A 628 1.56 -35.27 -1.17
N LEU A 629 1.46 -36.50 -0.68
CA LEU A 629 0.22 -36.96 -0.07
C LEU A 629 -0.02 -36.26 1.25
N ARG A 630 1.03 -35.94 2.00
CA ARG A 630 0.84 -35.15 3.22
C ARG A 630 0.31 -33.75 2.88
N ARG A 631 0.86 -33.13 1.85
CA ARG A 631 0.40 -31.78 1.48
C ARG A 631 -1.07 -31.82 1.03
N GLN A 632 -1.45 -32.84 0.26
CA GLN A 632 -2.85 -32.94 -0.14
C GLN A 632 -3.74 -33.37 1.02
N GLN A 633 -3.22 -34.09 1.99
CA GLN A 633 -4.00 -34.44 3.17
C GLN A 633 -4.29 -33.21 4.02
N ARG A 634 -3.30 -32.33 4.18
CA ARG A 634 -3.57 -31.09 4.90
C ARG A 634 -4.44 -30.14 4.09
N LEU A 635 -4.37 -30.20 2.75
CA LEU A 635 -5.33 -29.46 1.94
C LEU A 635 -6.74 -30.02 2.06
N GLN A 636 -6.89 -31.33 2.24
CA GLN A 636 -8.19 -31.91 2.54
C GLN A 636 -8.65 -31.61 3.96
N GLU A 637 -7.73 -31.42 4.89
CA GLU A 637 -8.08 -30.85 6.18
C GLU A 637 -8.54 -29.40 6.07
N ILE A 638 -7.98 -28.65 5.12
CA ILE A 638 -8.53 -27.34 4.76
C ILE A 638 -9.93 -27.47 4.14
N GLU A 639 -10.17 -28.52 3.36
CA GLU A 639 -11.54 -28.82 2.92
C GLU A 639 -12.46 -29.10 4.09
N ARG A 640 -11.98 -29.83 5.09
CA ARG A 640 -12.71 -30.00 6.34
C ARG A 640 -12.98 -28.65 7.02
N ARG A 641 -11.99 -27.76 7.00
CA ARG A 641 -12.17 -26.41 7.48
C ARG A 641 -13.33 -25.73 6.75
N ARG A 642 -13.37 -25.89 5.43
CA ARG A 642 -14.51 -25.42 4.65
C ARG A 642 -15.81 -26.03 5.18
N ASN A 643 -15.78 -27.31 5.54
CA ASN A 643 -16.92 -27.93 6.22
C ASN A 643 -17.00 -27.53 7.69
N THR A 644 -15.87 -27.18 8.31
CA THR A 644 -15.88 -26.75 9.70
C THR A 644 -16.62 -25.43 9.84
N PRO A 645 -17.43 -25.27 10.89
CA PRO A 645 -18.18 -24.02 11.06
C PRO A 645 -17.26 -22.81 11.16
N PHE A 646 -17.77 -21.66 10.72
CA PHE A 646 -16.99 -20.43 10.70
C PHE A 646 -16.57 -19.97 12.10
N HIS A 647 -17.21 -20.49 13.15
CA HIS A 647 -16.85 -20.08 14.50
C HIS A 647 -15.43 -20.53 14.87
N GLU A 648 -14.98 -21.66 14.35
CA GLU A 648 -13.61 -22.09 14.60
C GLU A 648 -12.61 -21.12 13.98
N ARG A 649 -12.85 -20.70 12.74
CA ARG A 649 -11.98 -19.72 12.09
C ARG A 649 -12.03 -18.38 12.83
N PHE A 650 -13.22 -18.00 13.32
CA PHE A 650 -13.33 -16.78 14.11
C PHE A 650 -12.51 -16.87 15.39
N PHE A 651 -12.54 -18.03 16.05
CA PHE A 651 -11.73 -18.23 17.26
C PHE A 651 -10.25 -18.12 16.95
N ARG A 652 -9.82 -18.72 15.84
CA ARG A 652 -8.40 -18.62 15.45
C ARG A 652 -8.02 -17.17 15.16
N PHE A 653 -8.90 -16.44 14.48
CA PHE A 653 -8.65 -15.03 14.18
C PHE A 653 -8.50 -14.20 15.45
N LEU A 654 -9.41 -14.40 16.40
CA LEU A 654 -9.33 -13.69 17.67
C LEU A 654 -8.06 -14.04 18.43
N LEU A 655 -7.68 -15.32 18.43
CA LEU A 655 -6.47 -15.73 19.13
C LEU A 655 -5.22 -15.10 18.53
N ARG A 656 -5.15 -15.04 17.19
CA ARG A 656 -4.00 -14.41 16.55
C ARG A 656 -3.92 -12.92 16.88
N LYS A 657 -5.06 -12.22 16.85
CA LYS A 657 -5.05 -10.81 17.19
C LYS A 657 -4.62 -10.60 18.64
N LEU A 658 -5.12 -11.43 19.55
CA LEU A 658 -4.73 -11.32 20.96
C LEU A 658 -3.23 -11.57 21.11
N TYR A 659 -2.67 -12.52 20.36
CA TYR A 659 -1.25 -12.78 20.43
C TYR A 659 -0.45 -11.55 20.03
N VAL A 660 -0.80 -10.92 18.91
CA VAL A 660 -0.01 -9.78 18.44
C VAL A 660 -0.13 -8.62 19.44
N PHE A 661 -1.32 -8.40 19.99
CA PHE A 661 -1.49 -7.32 20.97
C PHE A 661 -0.64 -7.57 22.21
N ARG A 662 -0.70 -8.79 22.76
CA ARG A 662 0.05 -9.10 23.97
C ARG A 662 1.55 -8.99 23.74
N ARG A 663 2.03 -9.48 22.59
CA ARG A 663 3.46 -9.39 22.30
C ARG A 663 3.92 -7.95 22.19
N SER A 664 3.14 -7.11 21.51
CA SER A 664 3.51 -5.70 21.40
C SER A 664 3.58 -5.04 22.77
N PHE A 665 2.59 -5.32 23.62
CA PHE A 665 2.59 -4.72 24.96
C PHE A 665 3.82 -5.16 25.76
N LEU A 666 4.15 -6.45 25.72
CA LEU A 666 5.27 -6.92 26.52
C LEU A 666 6.61 -6.38 26.01
N MET A 667 6.78 -6.31 24.70
CA MET A 667 8.01 -5.73 24.15
C MET A 667 8.14 -4.26 24.53
N THR A 668 7.04 -3.50 24.45
CA THR A 668 7.09 -2.10 24.85
C THR A 668 7.44 -1.96 26.33
N CYS A 669 6.87 -2.81 27.18
CA CYS A 669 7.20 -2.76 28.60
C CYS A 669 8.68 -3.03 28.84
N ILE A 670 9.23 -4.04 28.15
CA ILE A 670 10.65 -4.36 28.32
C ILE A 670 11.52 -3.17 27.93
N SER A 671 11.24 -2.57 26.77
CA SER A 671 12.05 -1.46 26.30
C SER A 671 11.93 -0.24 27.22
N LEU A 672 10.72 0.05 27.70
CA LEU A 672 10.54 1.19 28.59
C LEU A 672 11.27 0.98 29.91
N ARG A 673 11.23 -0.24 30.46
CA ARG A 673 11.98 -0.52 31.67
C ARG A 673 13.48 -0.40 31.44
N ASN A 674 13.96 -0.84 30.27
CA ASN A 674 15.37 -0.65 29.94
C ASN A 674 15.73 0.83 29.90
N LEU A 675 14.86 1.66 29.32
CA LEU A 675 15.12 3.09 29.26
C LEU A 675 15.17 3.70 30.65
N ILE A 676 14.15 3.44 31.46
CA ILE A 676 14.02 4.14 32.75
C ILE A 676 15.08 3.64 33.75
N LEU A 677 15.26 2.32 33.85
CA LEU A 677 16.16 1.74 34.83
C LEU A 677 17.53 1.37 34.28
N GLY A 678 17.58 0.72 33.13
CA GLY A 678 18.83 0.22 32.59
C GLY A 678 18.75 -1.24 32.23
N ARG A 679 19.67 -1.72 31.40
CA ARG A 679 19.65 -3.11 30.96
C ARG A 679 20.14 -4.02 32.09
N PRO A 680 19.33 -4.96 32.57
CA PRO A 680 19.75 -5.79 33.70
C PRO A 680 20.91 -6.73 33.38
N SER A 681 20.73 -7.59 32.39
CA SER A 681 21.70 -8.62 32.01
C SER A 681 21.15 -9.35 30.80
N LEU A 682 22.03 -10.09 30.12
CA LEU A 682 21.62 -10.82 28.93
C LEU A 682 20.64 -11.94 29.27
N GLU A 683 20.90 -12.69 30.35
CA GLU A 683 20.05 -13.82 30.69
C GLU A 683 18.64 -13.38 31.05
N GLN A 684 18.51 -12.31 31.85
CA GLN A 684 17.20 -11.82 32.23
C GLN A 684 16.41 -11.34 31.00
N LEU A 685 17.10 -10.65 30.08
CA LEU A 685 16.45 -10.26 28.84
C LEU A 685 16.00 -11.48 28.04
N ALA A 686 16.81 -12.53 28.02
CA ALA A 686 16.44 -13.74 27.30
C ALA A 686 15.17 -14.36 27.89
N GLN A 687 15.10 -14.44 29.22
CA GLN A 687 13.88 -14.98 29.85
C GLN A 687 12.67 -14.11 29.55
N GLU A 688 12.83 -12.79 29.62
CA GLU A 688 11.69 -11.90 29.35
C GLU A 688 11.20 -12.03 27.91
N VAL A 689 12.13 -12.12 26.96
CA VAL A 689 11.74 -12.26 25.56
C VAL A 689 11.11 -13.63 25.31
N THR A 690 11.63 -14.68 25.97
CA THR A 690 11.01 -15.99 25.85
C THR A 690 9.58 -15.97 26.37
N TYR A 691 9.34 -15.28 27.49
CA TYR A 691 7.99 -15.14 27.99
C TYR A 691 7.10 -14.35 27.04
N ALA A 692 7.66 -13.33 26.38
CA ALA A 692 6.87 -12.47 25.49
C ALA A 692 6.36 -13.21 24.26
N ASN A 693 6.94 -14.35 23.91
CA ASN A 693 6.56 -15.12 22.72
C ASN A 693 5.79 -16.40 23.10
N LEU A 694 4.95 -16.35 24.12
CA LEU A 694 4.42 -17.57 24.71
C LEU A 694 3.25 -18.18 23.94
N ARG A 695 2.62 -17.45 23.02
CA ARG A 695 1.48 -17.96 22.26
C ARG A 695 0.38 -18.40 23.22
N PRO A 696 -0.35 -17.44 23.83
CA PRO A 696 -1.22 -17.76 24.98
C PRO A 696 -2.09 -18.99 24.83
N PHE A 697 -2.92 -19.03 23.80
CA PHE A 697 -3.79 -20.18 23.53
C PHE A 697 -3.63 -20.57 22.07
N GLU A 698 -3.10 -21.77 21.83
CA GLU A 698 -2.90 -22.26 20.48
C GLU A 698 -3.56 -23.62 20.30
N GLY B 1 29.74 -13.83 0.60
CA GLY B 1 29.15 -15.14 0.81
C GLY B 1 27.65 -15.17 0.64
N ALA B 2 26.94 -14.67 1.65
CA ALA B 2 25.49 -14.61 1.61
C ALA B 2 24.98 -13.35 0.91
N ALA B 3 25.88 -12.49 0.47
CA ALA B 3 25.54 -11.27 -0.24
C ALA B 3 25.88 -11.32 -1.71
N PHE B 4 26.43 -12.43 -2.19
CA PHE B 4 26.94 -12.58 -3.55
C PHE B 4 26.33 -13.82 -4.18
N VAL B 5 26.13 -13.77 -5.50
CA VAL B 5 25.64 -14.89 -6.27
C VAL B 5 26.66 -15.24 -7.34
N SER B 6 26.41 -16.35 -8.03
CA SER B 6 27.25 -16.75 -9.15
C SER B 6 26.77 -16.08 -10.44
N LYS B 7 27.64 -16.08 -11.45
CA LYS B 7 27.21 -15.58 -12.76
C LYS B 7 26.15 -16.49 -13.38
N GLN B 8 26.24 -17.79 -13.13
CA GLN B 8 25.23 -18.71 -13.63
C GLN B 8 23.87 -18.43 -13.02
N GLU B 9 23.82 -18.22 -11.71
CA GLU B 9 22.54 -18.02 -11.03
C GLU B 9 21.99 -16.61 -11.26
N GLY B 10 22.86 -15.64 -11.57
CA GLY B 10 22.39 -14.31 -11.89
C GLY B 10 21.85 -14.11 -13.29
N SER B 11 22.15 -15.04 -14.20
CA SER B 11 21.75 -14.91 -15.60
C SER B 11 20.51 -15.74 -15.94
N GLU B 12 19.91 -16.40 -14.97
CA GLU B 12 18.75 -17.26 -15.23
C GLU B 12 17.51 -16.39 -15.29
N VAL B 13 17.11 -16.02 -16.51
CA VAL B 13 15.97 -15.15 -16.71
C VAL B 13 14.68 -15.85 -16.29
N VAL B 14 14.50 -17.10 -16.71
CA VAL B 14 13.30 -17.87 -16.42
C VAL B 14 13.53 -18.61 -15.10
N LYS B 15 12.93 -18.11 -14.03
CA LYS B 15 13.18 -18.65 -12.70
C LYS B 15 11.86 -18.83 -11.98
N PRO B 32 0.65 -10.67 -9.52
CA PRO B 32 1.12 -9.32 -9.75
C PRO B 32 1.23 -8.47 -8.48
N ASP B 33 1.74 -7.25 -8.63
CA ASP B 33 2.04 -6.42 -7.44
C ASP B 33 1.24 -5.11 -7.37
N PRO B 34 0.34 -4.91 -6.37
CA PRO B 34 -0.34 -3.62 -6.10
C PRO B 34 0.23 -2.92 -4.86
N LEU B 35 0.53 -1.65 -4.96
CA LEU B 35 1.17 -0.90 -3.87
C LEU B 35 0.19 -0.30 -2.87
N GLU B 36 -1.08 -0.70 -2.82
CA GLU B 36 -2.03 -0.23 -1.79
C GLU B 36 -2.11 -1.23 -0.64
N PRO B 37 -2.16 -2.55 -0.85
CA PRO B 37 -2.06 -3.54 0.22
C PRO B 37 -0.74 -3.39 0.97
N ARG B 38 -0.74 -3.56 2.30
CA ARG B 38 0.44 -3.31 3.18
C ARG B 38 1.70 -4.12 2.80
N ASP B 49 6.49 -10.99 5.41
CA ASP B 49 7.18 -10.48 6.58
C ASP B 49 8.39 -11.32 6.93
N GLU B 50 9.38 -11.35 6.04
CA GLU B 50 10.61 -12.07 6.32
C GLU B 50 11.69 -11.15 6.88
N LEU B 51 11.33 -10.33 7.86
CA LEU B 51 12.29 -9.38 8.42
C LEU B 51 13.44 -10.09 9.12
N ALA B 52 13.18 -11.27 9.68
CA ALA B 52 14.19 -12.08 10.34
C ALA B 52 15.13 -12.76 9.36
N ASP B 53 14.88 -12.69 8.05
CA ASP B 53 15.82 -13.23 7.07
C ASP B 53 16.77 -12.17 6.53
N HIS B 54 16.98 -11.10 7.28
CA HIS B 54 17.98 -10.12 6.92
C HIS B 54 19.37 -10.75 7.08
N ILE B 55 20.37 -10.13 6.47
CA ILE B 55 21.72 -10.67 6.52
C ILE B 55 22.34 -10.32 7.87
N GLY B 56 22.79 -11.34 8.60
CA GLY B 56 23.39 -11.16 9.90
C GLY B 56 22.42 -10.85 11.02
N PHE B 57 21.14 -11.16 10.82
CA PHE B 57 20.09 -10.80 11.76
C PHE B 57 20.28 -11.47 13.11
N GLN B 58 20.63 -12.76 13.11
CA GLN B 58 20.64 -13.53 14.34
C GLN B 58 21.73 -13.09 15.30
N GLU B 59 22.92 -12.78 14.78
CA GLU B 59 24.00 -12.33 15.64
C GLU B 59 23.63 -11.05 16.37
N ALA B 60 23.07 -10.07 15.64
CA ALA B 60 22.66 -8.82 16.26
C ALA B 60 21.51 -9.05 17.25
N TYR B 61 20.57 -9.94 16.92
CA TYR B 61 19.46 -10.19 17.83
C TYR B 61 19.93 -10.81 19.13
N ARG B 62 20.89 -11.73 19.07
CA ARG B 62 21.45 -12.29 20.29
C ARG B 62 22.38 -11.33 21.02
N ARG B 63 23.00 -10.39 20.31
CA ARG B 63 23.81 -9.39 20.98
C ARG B 63 22.96 -8.36 21.72
N PHE B 64 21.74 -8.12 21.26
CA PHE B 64 20.84 -7.17 21.90
C PHE B 64 19.95 -7.82 22.96
N TYR B 65 19.48 -9.05 22.73
CA TYR B 65 18.46 -9.66 23.58
C TYR B 65 18.94 -10.90 24.33
N GLY B 66 20.19 -11.30 24.16
CA GLY B 66 20.69 -12.49 24.81
C GLY B 66 20.34 -13.75 24.07
N PRO B 67 20.59 -14.90 24.69
CA PRO B 67 20.35 -16.20 24.02
C PRO B 67 18.88 -16.59 23.99
N VAL B 68 18.10 -15.85 23.20
CA VAL B 68 16.67 -16.13 23.09
C VAL B 68 16.41 -16.98 21.86
C1 NAG C . 27.01 -11.73 -33.40
C2 NAG C . 28.48 -11.51 -33.08
C3 NAG C . 28.62 -10.44 -31.99
C4 NAG C . 27.88 -9.18 -32.38
C5 NAG C . 26.43 -9.50 -32.77
C6 NAG C . 25.69 -8.31 -33.33
C7 NAG C . 30.06 -13.36 -33.43
C8 NAG C . 30.62 -14.62 -32.87
N2 NAG C . 29.13 -12.74 -32.69
O3 NAG C . 30.01 -10.15 -31.79
O4 NAG C . 27.84 -8.28 -31.27
O5 NAG C . 26.40 -10.51 -33.78
O6 NAG C . 24.47 -8.69 -33.94
O7 NAG C . 30.41 -12.91 -34.52
C1 NAG C . 28.71 -7.16 -31.48
C2 NAG C . 28.25 -6.02 -30.58
C3 NAG C . 29.19 -4.82 -30.70
C4 NAG C . 30.64 -5.24 -30.47
C5 NAG C . 31.00 -6.41 -31.38
C6 NAG C . 32.37 -6.96 -31.12
C7 NAG C . 26.45 -5.13 -32.03
C8 NAG C . 24.99 -4.80 -32.10
N2 NAG C . 26.87 -5.62 -30.86
O3 NAG C . 28.82 -3.82 -29.77
O4 NAG C . 31.51 -4.16 -30.73
O5 NAG C . 30.07 -7.49 -31.18
O6 NAG C . 32.67 -6.97 -29.73
O7 NAG C . 27.19 -4.96 -32.99
C1 NAG D . 8.30 -28.91 -26.84
C2 NAG D . 7.94 -30.18 -27.60
C3 NAG D . 6.99 -29.85 -28.76
C4 NAG D . 5.78 -29.08 -28.25
C5 NAG D . 6.23 -27.85 -27.44
C6 NAG D . 5.08 -27.11 -26.79
C7 NAG D . 9.50 -32.06 -27.70
C8 NAG D . 10.75 -32.62 -28.31
N2 NAG D . 9.12 -30.85 -28.10
O3 NAG D . 6.56 -31.05 -29.38
O4 NAG D . 4.99 -28.64 -29.35
O5 NAG D . 7.11 -28.26 -26.39
O6 NAG D . 4.64 -27.78 -25.62
O7 NAG D . 8.85 -32.70 -26.86
C1 NAG D . 3.70 -29.29 -29.31
C2 NAG D . 2.67 -28.36 -29.96
C3 NAG D . 1.30 -29.04 -29.99
C4 NAG D . 1.40 -30.41 -30.66
C5 NAG D . 2.48 -31.25 -29.98
C6 NAG D . 2.72 -32.57 -30.68
C7 NAG D . 3.26 -26.01 -29.65
C8 NAG D . 3.06 -24.78 -28.83
N2 NAG D . 2.59 -27.09 -29.26
O3 NAG D . 0.38 -28.22 -30.70
O4 NAG D . 0.15 -31.09 -30.55
O5 NAG D . 3.73 -30.54 -30.01
O6 NAG D . 2.76 -33.65 -29.75
O7 NAG D . 4.00 -26.01 -30.65
C1 NAG E . 11.51 -27.66 -12.63
C2 NAG E . 12.03 -26.33 -12.08
C3 NAG E . 13.01 -26.58 -10.93
C4 NAG E . 12.38 -27.48 -9.88
C5 NAG E . 11.87 -28.77 -10.52
C6 NAG E . 11.15 -29.67 -9.55
C7 NAG E . 12.75 -24.22 -13.09
C8 NAG E . 13.44 -23.57 -14.25
N2 NAG E . 12.66 -25.55 -13.13
O3 NAG E . 13.38 -25.33 -10.35
O4 NAG E . 13.35 -27.81 -8.87
O5 NAG E . 10.94 -28.45 -11.56
O6 NAG E . 10.13 -30.42 -10.20
O7 NAG E . 12.30 -23.56 -12.15
C11 A1AVC F . -10.77 1.55 -4.59
C12 A1AVC F . -10.29 0.65 -5.74
C13 A1AVC F . -11.70 0.07 -6.12
C14 A1AVC F . -12.10 -1.08 -6.72
C15 A1AVC F . -11.12 -2.13 -7.25
C16 A1AVC F . -13.64 -1.29 -6.88
C01 A1AVC F . -10.54 -0.42 -2.98
C02 A1AVC F . -10.94 1.03 -3.30
C03 A1AVC F . -11.45 1.82 -2.29
C04 A1AVC F . -11.80 3.18 -2.56
C05 A1AVC F . -12.32 4.03 -1.55
C06 A1AVC F . -12.66 5.35 -1.85
C07 A1AVC F . -12.52 5.86 -3.13
C08 A1AVC F . -12.02 5.02 -4.11
C09 A1AVC F . -11.66 3.67 -3.81
C10 A1AVC F . -11.15 2.86 -4.83
C17 A1AVC F . -14.07 -2.50 -7.74
C18 A1AVC F . -14.93 -3.58 -7.04
C19 A1AVC F . -16.25 -3.09 -6.45
C20 A1AVC F . -16.52 -3.86 -5.18
C21 A1AVC F . -17.43 -3.28 -7.40
C22 A1AVC F . -18.62 -2.42 -6.93
C23 A1AVC F . -19.98 -2.81 -7.56
C24 A1AVC F . -20.55 -1.60 -8.30
C25 A1AVC F . -20.29 -0.37 -7.46
C26 A1AVC F . -22.07 -1.74 -8.57
C27 A1AVC F . -22.77 -2.71 -7.57
C28 A1AVC F . -24.10 -2.16 -6.99
C29 A1AVC F . -25.05 -3.29 -6.52
C30 A1AVC F . -25.63 -3.04 -5.13
C31 A1AVC F . -26.18 -3.47 -7.54
O32 A1AVC F . -11.03 3.46 -6.07
O33 A1AVC F . -11.58 1.28 -1.00
C1 CLR G . 1.98 17.43 3.80
C2 CLR G . 1.11 17.73 2.61
C3 CLR G . -0.36 17.63 2.93
C4 CLR G . -0.68 18.54 4.13
C5 CLR G . 0.21 18.30 5.33
C6 CLR G . -0.36 18.13 6.51
C7 CLR G . 0.46 17.87 7.79
C8 CLR G . 1.91 18.30 7.60
C9 CLR G . 2.45 17.73 6.26
C10 CLR G . 1.72 18.29 5.03
C11 CLR G . 3.97 17.85 6.14
C12 CLR G . 4.74 17.36 7.39
C13 CLR G . 4.24 18.12 8.63
C14 CLR G . 2.72 17.73 8.72
C15 CLR G . 2.29 18.13 10.17
C16 CLR G . 3.60 17.90 11.02
C17 CLR G . 4.75 17.51 10.00
C18 CLR G . 4.45 19.61 8.58
C19 CLR G . 2.18 19.74 4.77
C20 CLR G . 6.08 18.04 10.54
C21 CLR G . 7.34 17.68 9.72
C22 CLR G . 6.19 17.31 11.94
C23 CLR G . 7.58 16.71 12.23
C24 CLR G . 7.42 16.08 13.65
C25 CLR G . 8.81 15.66 14.17
C26 CLR G . 8.59 14.80 15.43
C27 CLR G . 9.74 16.86 14.40
O1 CLR G . -1.20 17.95 1.84
C27 PEE H . -13.24 29.91 -5.79
C26 PEE H . -11.81 29.66 -6.26
C25 PEE H . -10.91 29.21 -5.11
C24 PEE H . -11.53 28.05 -4.33
C23 PEE H . -10.99 27.94 -2.89
C22 PEE H . -10.80 26.47 -2.49
C21 PEE H . -11.53 25.45 -3.33
C20 PEE H . -12.70 24.77 -2.61
C19 PEE H . -13.94 25.65 -2.55
C18 PEE H . -14.42 25.85 -1.13
C17 PEE H . -15.85 25.35 -0.92
C16 PEE H . -16.24 25.52 0.55
C15 PEE H . -16.44 26.98 0.94
C14 PEE H . -17.63 27.61 0.20
C13 PEE H . -18.75 28.06 1.14
C12 PEE H . -19.26 26.89 1.97
C11 PEE H . -20.65 27.16 2.55
C10 PEE H . -21.03 26.03 3.47
O4 PEE H . -20.47 25.78 4.51
O2 PEE H . -22.07 25.28 3.05
C2 PEE H . -22.36 24.09 3.75
C1 PEE H . -23.87 24.19 4.15
O3P PEE H . -24.17 23.03 4.83
P PEE H . -25.56 22.78 5.67
O2P PEE H . -26.14 24.10 6.08
O1P PEE H . -25.48 21.46 6.34
O4P PEE H . -26.42 22.41 4.17
C4 PEE H . -26.22 21.20 3.57
C5 PEE H . -27.21 21.10 2.39
N PEE H . -28.24 20.02 2.73
C3 PEE H . -22.13 22.90 2.81
O3 PEE H . -20.95 23.11 2.05
C30 PEE H . -19.97 22.17 2.04
O5 PEE H . -19.97 21.30 2.89
C31 PEE H . -18.98 22.35 0.93
C32 PEE H . -17.94 21.22 0.99
C33 PEE H . -18.42 19.89 0.41
C34 PEE H . -17.80 19.56 -0.96
C35 PEE H . -18.73 19.79 -2.14
C36 PEE H . -19.95 18.86 -2.14
C37 PEE H . -20.65 18.74 -3.51
C38 PEE H . -20.31 19.90 -4.47
C39 PEE H . -21.36 20.13 -5.58
C40 PEE H . -22.21 21.40 -5.40
C41 PEE H . -22.15 22.02 -3.99
C42 PEE H . -21.32 23.32 -3.96
C43 PEE H . -20.50 23.47 -2.67
C44 PEE H . -19.89 24.86 -2.45
C45 PEE H . -18.92 25.31 -3.56
C46 PEE H . -19.19 26.75 -4.01
C47 PEE H . -20.61 26.90 -4.56
C27 PEE I . -19.92 9.02 12.70
C26 PEE I . -20.22 7.67 12.09
C25 PEE I . -21.27 6.92 12.91
C24 PEE I . -21.87 5.78 12.09
C23 PEE I . -20.91 4.58 11.96
C22 PEE I . -21.26 3.78 10.71
C21 PEE I . -20.34 2.61 10.39
C20 PEE I . -19.63 2.01 11.60
C19 PEE I . -18.22 1.52 11.25
C18 PEE I . -17.30 1.50 12.47
C17 PEE I . -16.67 0.14 12.69
C16 PEE I . -15.69 0.22 13.86
C15 PEE I . -15.49 -1.11 14.57
C14 PEE I . -14.90 -2.18 13.64
C13 PEE I . -13.67 -2.86 14.22
C12 PEE I . -13.33 -4.14 13.47
C11 PEE I . -12.43 -3.87 12.26
C10 PEE I . -11.92 -5.18 11.71
O4 PEE I . -12.58 -6.19 11.62
O2 PEE I . -10.63 -5.16 11.31
C2 PEE I . -9.92 -6.38 11.33
C1 PEE I . -9.42 -6.60 9.88
O3P PEE I . -8.68 -7.77 9.89
P PEE I . -7.29 -8.01 9.01
O2P PEE I . -6.32 -8.79 9.85
O1P PEE I . -7.14 -6.90 8.05
O4P PEE I . -8.08 -9.27 8.05
C4 PEE I . -7.48 -10.49 7.93
C5 PEE I . -6.43 -10.37 6.78
N PEE I . -5.13 -9.84 7.38
C3 PEE I . -8.73 -6.23 12.30
O3 PEE I . -8.84 -7.17 13.34
C30 PEE I . -9.12 -6.76 14.60
O5 PEE I . -8.93 -5.60 14.93
C31 PEE I . -9.66 -7.86 15.47
C32 PEE I . -9.37 -7.55 16.94
C33 PEE I . -10.40 -6.63 17.61
C34 PEE I . -10.09 -6.37 19.09
C35 PEE I . -10.67 -5.05 19.60
C36 PEE I . -12.11 -4.81 19.12
C37 PEE I . -13.18 -5.30 20.10
C38 PEE I . -13.39 -4.33 21.27
C39 PEE I . -13.77 -5.01 22.58
C40 PEE I . -12.60 -5.76 23.24
C41 PEE I . -11.41 -4.86 23.62
C42 PEE I . -11.46 -4.36 25.07
C43 PEE I . -11.04 -5.44 26.07
C44 PEE I . -9.79 -5.08 26.90
C45 PEE I . -9.03 -6.26 27.50
C46 PEE I . -9.03 -7.48 26.58
C47 PEE I . -9.16 -8.78 27.37
CAA Y01 J . 0.82 -14.01 33.40
CBA Y01 J . 0.56 -12.85 34.34
CAB Y01 J . -0.47 -13.22 35.41
CAN Y01 J . 0.16 -11.54 33.63
CAJ Y01 J . -0.08 -11.63 32.12
CAO Y01 J . -1.22 -10.71 31.68
CBB Y01 J . -1.23 -10.45 30.17
CAC Y01 J . -2.04 -11.52 29.46
CBE Y01 J . -1.76 -9.03 29.97
CAP Y01 J . -0.67 -8.01 30.44
CAQ Y01 J . -0.75 -6.80 29.48
CBG Y01 J . -2.12 -7.00 28.86
CBI Y01 J . -2.11 -8.49 28.55
CAE Y01 J . -1.08 -8.84 27.49
CAU Y01 J . -3.53 -8.84 28.09
CAS Y01 J . -4.05 -7.95 26.93
CBF Y01 J . -3.90 -6.43 27.18
CBD Y01 J . -2.48 -6.14 27.65
CAK Y01 J . -2.36 -4.67 28.03
CAI Y01 J . -2.98 -3.78 27.14
CAZ Y01 J . -3.89 -4.12 26.15
CAV Y01 J . -4.38 -2.96 25.38
CBH Y01 J . -4.26 -5.55 25.95
CAD Y01 J . -3.60 -6.05 24.67
CAT Y01 J . -5.79 -5.55 25.72
CAR Y01 J . -6.28 -4.52 24.70
CBC Y01 J . -5.87 -3.10 25.10
OAW Y01 J . -6.09 -2.12 24.09
CAY Y01 J . -7.36 -1.98 23.65
OAG Y01 J . -7.45 -2.16 22.41
CAM Y01 J . -8.48 -1.64 24.54
CAL Y01 J . -9.15 -0.31 24.20
CAX Y01 J . -9.89 -0.39 22.85
OAH Y01 J . -10.75 -1.29 22.73
OAF Y01 J . -9.59 0.49 22.00
C27 PEE K . 3.91 19.51 0.09
C26 PEE K . 4.43 20.92 -0.17
C25 PEE K . 5.64 20.87 -1.12
C24 PEE K . 6.96 21.02 -0.37
C23 PEE K . 8.02 21.78 -1.18
C22 PEE K . 9.39 21.12 -0.97
C21 PEE K . 10.48 21.60 -1.93
C20 PEE K . 10.50 23.10 -2.18
C19 PEE K . 11.65 23.79 -1.46
C18 PEE K . 12.88 23.91 -2.35
C17 PEE K . 14.17 23.60 -1.60
C16 PEE K . 14.09 22.17 -1.04
C15 PEE K . 15.45 21.53 -0.84
C14 PEE K . 16.09 21.13 -2.17
C13 PEE K . 16.61 19.69 -2.18
C12 PEE K . 17.31 19.35 -0.85
C11 PEE K . 18.33 18.21 -1.01
C10 PEE K . 17.80 17.17 -1.95
O4 PEE K . 18.14 17.05 -3.11
O2 PEE K . 16.87 16.33 -1.42
C2 PEE K . 16.43 15.24 -2.20
C1 PEE K . 17.05 13.97 -1.52
O3P PEE K . 17.21 13.01 -2.51
P PEE K . 17.26 11.37 -2.23
O2P PEE K . 17.12 11.12 -0.76
O1P PEE K . 16.73 10.67 -3.43
O4P PEE K . 19.02 11.33 -2.50
C4 PEE K . 19.50 10.59 -3.53
C5 PEE K . 20.99 10.24 -3.18
N PEE K . 20.98 9.24 -2.03
C3 PEE K . 14.90 15.21 -2.15
O3 PEE K . 14.42 16.04 -1.11
C30 PEE K . 13.58 17.08 -1.37
O5 PEE K . 13.92 18.23 -1.10
C31 PEE K . 12.27 16.68 -2.00
C32 PEE K . 11.37 17.91 -2.14
C33 PEE K . 10.10 17.68 -2.96
C34 PEE K . 9.14 16.68 -2.29
C35 PEE K . 8.32 15.84 -3.27
C36 PEE K . 7.92 14.48 -2.69
C37 PEE K . 6.42 14.37 -2.31
C38 PEE K . 5.67 15.70 -2.40
C39 PEE K . 4.20 15.60 -1.98
C40 PEE K . 3.98 15.75 -0.47
C41 PEE K . 3.42 14.49 0.22
C42 PEE K . 3.80 14.45 1.71
C43 PEE K . 5.24 14.86 1.97
C44 PEE K . 5.49 15.55 3.31
C45 PEE K . 6.17 16.92 3.23
C46 PEE K . 7.27 17.08 4.28
C47 PEE K . 8.39 17.99 3.78
C CO2 L . -7.34 3.60 0.14
O1 CO2 L . -7.33 4.77 0.00
O2 CO2 L . -7.34 2.42 0.29
C BCT M . -8.40 5.77 -8.07
O1 BCT M . -9.14 4.98 -8.62
O2 BCT M . -8.10 5.76 -6.89
O3 BCT M . -7.89 6.73 -8.80
#